data_6YR5
#
_entry.id   6YR5
#
_cell.length_a   63.950
_cell.length_b   75.300
_cell.length_c   78.390
_cell.angle_alpha   95.150
_cell.angle_beta   113.140
_cell.angle_gamma   93.840
#
_symmetry.space_group_name_H-M   'P 1'
#
loop_
_entity.id
_entity.type
_entity.pdbx_description
1 polymer '14-3-3 protein sigma'
2 polymer 'Protein Mdm4'
3 non-polymer 'SULFATE ION'
4 water water
#
loop_
_entity_poly.entity_id
_entity_poly.type
_entity_poly.pdbx_seq_one_letter_code
_entity_poly.pdbx_strand_id
1 'polypeptide(L)'
;GAMGSMERASLIQKAKLAEQAERYEDMAAFMKGAVEKGEELSCEERNLLSVAYKNVVGGQRAAWRVLSSIEQKSNEEGSE
EKGPEVREYREKVETELQGVCDTVLGLLDSHLIKEAGDAESRVFYLKMKGDYYRYLAEVATGDDKKRIIDSARSAYQEAM
DISKKEMPPTNPIRLGLALNFSVFHYEIANSPEEAISLAKTTFDEAMADLHTLSEDSYKDSTLIMQLLRDNLTLWT
;
A,B,C,D
2 'polypeptide(L)' DCRRTI(SEP)APVVRPK O,P,Q,R
#
loop_
_chem_comp.id
_chem_comp.type
_chem_comp.name
_chem_comp.formula
SO4 non-polymer 'SULFATE ION' 'O4 S -2'
#
# COMPACT_ATOMS: atom_id res chain seq x y z
N ALA A 2 -9.96 -4.47 -0.83
CA ALA A 2 -10.90 -5.26 -0.02
C ALA A 2 -11.26 -6.54 -0.80
N MET A 3 -11.69 -7.52 -0.04
CA MET A 3 -12.08 -8.88 -0.44
C MET A 3 -13.58 -8.99 -0.29
N GLY A 4 -14.27 -7.92 0.09
CA GLY A 4 -15.73 -7.91 0.34
C GLY A 4 -16.53 -8.42 -0.86
N SER A 5 -16.06 -8.22 -2.08
CA SER A 5 -16.85 -8.55 -3.31
C SER A 5 -16.58 -9.99 -3.71
N MET A 6 -15.72 -10.71 -2.96
CA MET A 6 -15.27 -12.05 -3.41
C MET A 6 -15.96 -13.17 -2.60
N GLU A 7 -16.38 -14.24 -3.29
CA GLU A 7 -17.00 -15.44 -2.67
C GLU A 7 -16.03 -16.00 -1.63
N ARG A 8 -16.53 -16.42 -0.50
CA ARG A 8 -15.71 -17.04 0.58
C ARG A 8 -14.88 -18.17 -0.03
N ALA A 9 -15.53 -18.99 -0.87
CA ALA A 9 -14.91 -20.19 -1.45
C ALA A 9 -13.75 -19.80 -2.38
N SER A 10 -13.92 -18.73 -3.15
CA SER A 10 -12.86 -18.18 -4.03
C SER A 10 -11.71 -17.66 -3.15
N LEU A 11 -11.99 -16.97 -2.04
CA LEU A 11 -10.93 -16.48 -1.12
C LEU A 11 -10.08 -17.62 -0.61
N ILE A 12 -10.69 -18.73 -0.22
CA ILE A 12 -9.99 -19.94 0.28
C ILE A 12 -9.10 -20.55 -0.82
N GLN A 13 -9.65 -20.77 -2.01
CA GLN A 13 -8.86 -21.24 -3.17
C GLN A 13 -7.68 -20.28 -3.38
N LYS A 14 -7.90 -18.97 -3.39
CA LYS A 14 -6.79 -18.04 -3.73
C LYS A 14 -5.76 -18.06 -2.59
N ALA A 15 -6.17 -18.28 -1.35
CA ALA A 15 -5.22 -18.47 -0.23
C ALA A 15 -4.31 -19.66 -0.54
N LYS A 16 -4.89 -20.75 -1.01
CA LYS A 16 -4.11 -21.98 -1.35
C LYS A 16 -3.13 -21.73 -2.51
N LEU A 17 -3.54 -21.04 -3.58
CA LEU A 17 -2.68 -20.60 -4.73
C LEU A 17 -1.53 -19.73 -4.23
N ALA A 18 -1.79 -18.78 -3.35
CA ALA A 18 -0.74 -17.87 -2.83
C ALA A 18 0.26 -18.66 -1.98
N GLU A 19 -0.18 -19.62 -1.16
CA GLU A 19 0.75 -20.53 -0.43
C GLU A 19 1.65 -21.24 -1.45
N GLN A 20 1.08 -21.81 -2.50
CA GLN A 20 1.85 -22.53 -3.55
C GLN A 20 2.85 -21.56 -4.19
N ALA A 21 2.48 -20.30 -4.40
CA ALA A 21 3.34 -19.30 -5.03
C ALA A 21 4.28 -18.65 -4.02
N GLU A 22 4.25 -19.01 -2.73
CA GLU A 22 5.02 -18.32 -1.64
C GLU A 22 4.72 -16.81 -1.58
N ARG A 23 3.46 -16.43 -1.79
CA ARG A 23 2.97 -15.04 -1.65
C ARG A 23 2.22 -14.91 -0.32
N TYR A 24 2.92 -14.81 0.80
CA TYR A 24 2.29 -15.03 2.12
C TYR A 24 1.52 -13.76 2.52
N GLU A 25 1.94 -12.56 2.12
CA GLU A 25 1.15 -11.32 2.34
C GLU A 25 -0.22 -11.45 1.63
N ASP A 26 -0.24 -11.86 0.36
CA ASP A 26 -1.53 -12.13 -0.34
C ASP A 26 -2.27 -13.28 0.36
N MET A 27 -1.61 -14.36 0.72
CA MET A 27 -2.30 -15.46 1.45
C MET A 27 -3.00 -14.89 2.72
N ALA A 28 -2.37 -13.97 3.44
CA ALA A 28 -2.91 -13.43 4.70
C ALA A 28 -4.12 -12.53 4.41
N ALA A 29 -4.06 -11.73 3.38
CA ALA A 29 -5.17 -10.83 2.97
C ALA A 29 -6.36 -11.68 2.52
N PHE A 30 -6.11 -12.76 1.79
CA PHE A 30 -7.19 -13.68 1.33
C PHE A 30 -7.84 -14.35 2.55
N MET A 31 -7.04 -14.82 3.50
CA MET A 31 -7.61 -15.48 4.70
C MET A 31 -8.36 -14.46 5.57
N LYS A 32 -7.91 -13.21 5.63
CA LYS A 32 -8.60 -12.19 6.44
C LYS A 32 -9.98 -11.95 5.82
N GLY A 33 -10.02 -11.79 4.48
CA GLY A 33 -11.30 -11.67 3.77
C GLY A 33 -12.18 -12.84 4.11
N ALA A 34 -11.67 -14.06 4.09
CA ALA A 34 -12.50 -15.25 4.39
C ALA A 34 -13.06 -15.15 5.81
N VAL A 35 -12.24 -14.85 6.82
CA VAL A 35 -12.71 -14.66 8.22
C VAL A 35 -13.83 -13.59 8.29
N GLU A 36 -13.65 -12.45 7.65
CA GLU A 36 -14.66 -11.35 7.72
C GLU A 36 -15.98 -11.79 7.08
N LYS A 37 -16.08 -12.96 6.44
CA LYS A 37 -17.42 -13.43 5.98
C LYS A 37 -18.30 -13.79 7.18
N GLY A 38 -17.69 -14.09 8.34
CA GLY A 38 -18.42 -14.28 9.61
C GLY A 38 -18.85 -15.72 9.87
N GLU A 39 -18.40 -16.70 9.07
CA GLU A 39 -18.62 -18.14 9.35
C GLU A 39 -17.37 -18.70 10.01
N GLU A 40 -17.52 -19.80 10.75
CA GLU A 40 -16.43 -20.46 11.52
C GLU A 40 -15.43 -20.98 10.49
N LEU A 41 -14.15 -21.04 10.83
CA LEU A 41 -13.12 -21.73 10.00
C LEU A 41 -13.10 -23.22 10.35
N SER A 42 -12.96 -24.07 9.33
CA SER A 42 -12.66 -25.52 9.42
C SER A 42 -11.22 -25.69 9.91
N CYS A 43 -10.85 -26.90 10.34
CA CYS A 43 -9.47 -27.19 10.80
C CYS A 43 -8.48 -26.76 9.68
N GLU A 44 -8.69 -27.17 8.44
CA GLU A 44 -7.81 -26.82 7.30
C GLU A 44 -7.73 -25.29 7.19
N GLU A 45 -8.83 -24.55 7.33
CA GLU A 45 -8.83 -23.08 7.12
C GLU A 45 -8.06 -22.39 8.25
N ARG A 46 -8.23 -22.83 9.49
CA ARG A 46 -7.49 -22.32 10.66
C ARG A 46 -6.00 -22.42 10.36
N ASN A 47 -5.55 -23.53 9.78
CA ASN A 47 -4.09 -23.75 9.52
C ASN A 47 -3.63 -22.86 8.38
N LEU A 48 -4.42 -22.65 7.34
CA LEU A 48 -4.08 -21.67 6.28
C LEU A 48 -3.90 -20.30 6.97
N LEU A 49 -4.87 -19.85 7.75
CA LEU A 49 -4.79 -18.50 8.38
C LEU A 49 -3.50 -18.40 9.19
N SER A 50 -3.20 -19.39 9.99
CA SER A 50 -2.00 -19.38 10.86
C SER A 50 -0.73 -19.44 10.03
N VAL A 51 -0.67 -20.23 8.97
CA VAL A 51 0.56 -20.32 8.10
C VAL A 51 0.81 -18.97 7.39
N ALA A 52 -0.24 -18.32 6.90
CA ALA A 52 -0.11 -17.02 6.19
C ALA A 52 0.51 -16.01 7.18
N TYR A 53 -0.08 -15.80 8.36
CA TYR A 53 0.33 -14.68 9.27
C TYR A 53 1.67 -15.02 9.94
N LYS A 54 1.96 -16.29 10.20
CA LYS A 54 3.27 -16.78 10.75
C LYS A 54 4.42 -16.41 9.80
N ASN A 55 4.23 -16.63 8.52
CA ASN A 55 5.23 -16.33 7.47
C ASN A 55 5.46 -14.82 7.39
N VAL A 56 4.38 -14.06 7.41
CA VAL A 56 4.48 -12.58 7.30
C VAL A 56 5.24 -12.09 8.54
N VAL A 57 4.75 -12.38 9.74
CA VAL A 57 5.38 -11.83 10.98
C VAL A 57 6.77 -12.45 11.15
N GLY A 58 6.94 -13.69 10.74
CA GLY A 58 8.23 -14.41 10.82
C GLY A 58 9.31 -13.63 10.12
N GLY A 59 9.07 -13.23 8.87
CA GLY A 59 10.00 -12.41 8.08
C GLY A 59 10.33 -11.12 8.81
N GLN A 60 9.31 -10.45 9.38
CA GLN A 60 9.46 -9.17 10.09
C GLN A 60 10.24 -9.34 11.39
N ARG A 61 10.00 -10.39 12.19
CA ARG A 61 10.73 -10.62 13.47
C ARG A 61 12.21 -10.89 13.14
N ALA A 62 12.50 -11.63 12.07
CA ALA A 62 13.91 -11.99 11.71
C ALA A 62 14.61 -10.75 11.17
N ALA A 63 13.92 -9.88 10.44
CA ALA A 63 14.48 -8.57 10.03
C ALA A 63 14.74 -7.72 11.27
N TRP A 64 13.77 -7.64 12.18
CA TRP A 64 13.84 -6.76 13.37
C TRP A 64 15.10 -7.15 14.16
N ARG A 65 15.33 -8.46 14.37
CA ARG A 65 16.50 -8.99 15.14
C ARG A 65 17.82 -8.70 14.41
N VAL A 66 17.92 -8.83 13.08
CA VAL A 66 19.13 -8.44 12.28
C VAL A 66 19.42 -6.97 12.61
N LEU A 67 18.40 -6.11 12.51
CA LEU A 67 18.59 -4.65 12.64
C LEU A 67 18.87 -4.30 14.10
N SER A 68 18.23 -5.01 15.04
CA SER A 68 18.34 -4.72 16.48
C SER A 68 19.77 -5.07 16.97
N SER A 69 20.37 -6.10 16.39
CA SER A 69 21.79 -6.50 16.62
C SER A 69 22.74 -5.40 16.13
N ILE A 70 22.63 -5.00 14.86
CA ILE A 70 23.47 -3.91 14.27
C ILE A 70 23.34 -2.66 15.14
N GLU A 71 22.13 -2.35 15.61
CA GLU A 71 21.84 -1.21 16.51
C GLU A 71 22.58 -1.34 17.85
N GLN A 72 22.60 -2.53 18.46
CA GLN A 72 23.09 -2.77 19.86
C GLN A 72 24.64 -2.81 19.91
N LYS A 73 25.34 -3.12 18.81
CA LYS A 73 26.84 -3.06 18.73
C LYS A 73 27.28 -1.64 19.13
N SER A 74 27.78 -1.51 20.38
CA SER A 74 27.95 -0.26 21.18
C SER A 74 29.39 -0.17 21.75
N ASN A 75 30.14 0.88 21.36
CA ASN A 75 31.53 1.16 21.80
C ASN A 75 31.76 2.67 21.87
N LYS A 82 28.18 7.19 14.91
CA LYS A 82 26.84 6.53 14.99
C LYS A 82 25.79 7.50 14.38
N GLY A 83 25.24 7.20 13.20
CA GLY A 83 24.12 7.98 12.62
C GLY A 83 22.76 7.42 13.04
N PRO A 84 21.61 8.09 12.80
CA PRO A 84 20.31 7.58 13.24
C PRO A 84 19.67 6.52 12.32
N GLU A 85 20.32 6.15 11.22
CA GLU A 85 19.70 5.37 10.10
C GLU A 85 19.27 3.98 10.57
N VAL A 86 20.13 3.26 11.28
CA VAL A 86 19.85 1.88 11.76
C VAL A 86 18.62 1.98 12.68
N ARG A 87 18.63 2.91 13.64
CA ARG A 87 17.51 3.06 14.61
C ARG A 87 16.22 3.33 13.82
N GLU A 88 16.21 4.30 12.90
CA GLU A 88 15.05 4.66 12.03
C GLU A 88 14.55 3.46 11.22
N TYR A 89 15.43 2.63 10.67
CA TYR A 89 14.96 1.46 9.86
C TYR A 89 14.41 0.37 10.81
N ARG A 90 15.05 0.14 11.97
CA ARG A 90 14.56 -0.82 12.99
C ARG A 90 13.16 -0.38 13.43
N GLU A 91 12.95 0.90 13.75
CA GLU A 91 11.61 1.47 14.11
C GLU A 91 10.59 1.22 12.98
N LYS A 92 10.96 1.40 11.70
CA LYS A 92 10.04 1.22 10.55
C LYS A 92 9.59 -0.25 10.49
N VAL A 93 10.53 -1.19 10.63
CA VAL A 93 10.21 -2.63 10.58
C VAL A 93 9.34 -2.97 11.79
N GLU A 94 9.68 -2.42 12.96
CA GLU A 94 8.94 -2.63 14.23
C GLU A 94 7.48 -2.19 14.05
N THR A 95 7.25 -1.03 13.46
CA THR A 95 5.90 -0.50 13.24
C THR A 95 5.13 -1.42 12.27
N GLU A 96 5.77 -1.97 11.25
CA GLU A 96 5.07 -2.93 10.36
C GLU A 96 4.67 -4.19 11.13
N LEU A 97 5.57 -4.67 12.01
CA LEU A 97 5.39 -5.92 12.77
C LEU A 97 4.20 -5.72 13.71
N GLN A 98 4.18 -4.62 14.44
CA GLN A 98 3.08 -4.24 15.37
C GLN A 98 1.76 -4.14 14.59
N GLY A 99 1.81 -3.58 13.37
CA GLY A 99 0.65 -3.49 12.43
C GLY A 99 0.06 -4.87 12.18
N VAL A 100 0.91 -5.83 11.86
CA VAL A 100 0.47 -7.21 11.54
C VAL A 100 -0.11 -7.88 12.79
N CYS A 101 0.57 -7.76 13.95
CA CYS A 101 0.09 -8.40 15.17
C CYS A 101 -1.28 -7.82 15.49
N ASP A 102 -1.47 -6.49 15.44
CA ASP A 102 -2.77 -5.85 15.80
C ASP A 102 -3.84 -6.34 14.82
N THR A 103 -3.50 -6.54 13.54
CA THR A 103 -4.46 -7.09 12.57
C THR A 103 -4.90 -8.50 13.00
N VAL A 104 -3.95 -9.37 13.36
CA VAL A 104 -4.28 -10.77 13.76
C VAL A 104 -5.09 -10.74 15.04
N LEU A 105 -4.70 -9.89 16.00
CA LEU A 105 -5.39 -9.76 17.31
C LEU A 105 -6.81 -9.18 17.14
N GLY A 106 -7.02 -8.26 16.20
CA GLY A 106 -8.36 -7.78 15.84
C GLY A 106 -9.22 -8.88 15.21
N LEU A 107 -8.66 -9.71 14.33
CA LEU A 107 -9.42 -10.85 13.75
C LEU A 107 -9.82 -11.85 14.85
N LEU A 108 -8.92 -12.15 15.77
CA LEU A 108 -9.21 -13.10 16.87
C LEU A 108 -10.34 -12.53 17.75
N ASP A 109 -10.23 -11.29 18.16
CA ASP A 109 -11.22 -10.73 19.12
C ASP A 109 -12.57 -10.45 18.45
N SER A 110 -12.58 -9.97 17.22
CA SER A 110 -13.83 -9.61 16.51
C SER A 110 -14.52 -10.85 15.96
N HIS A 111 -13.78 -11.87 15.50
CA HIS A 111 -14.41 -12.93 14.66
C HIS A 111 -14.22 -14.36 15.18
N LEU A 112 -13.10 -14.72 15.81
CA LEU A 112 -12.72 -16.16 15.94
C LEU A 112 -12.85 -16.68 17.38
N ILE A 113 -12.52 -15.87 18.38
CA ILE A 113 -12.60 -16.27 19.82
C ILE A 113 -14.05 -16.15 20.30
N LYS A 114 -14.64 -17.28 20.68
CA LYS A 114 -16.08 -17.46 21.06
C LYS A 114 -16.13 -18.50 22.20
N GLU A 115 -17.25 -18.53 22.94
CA GLU A 115 -17.49 -19.62 23.93
C GLU A 115 -18.11 -20.83 23.22
N ALA A 116 -18.70 -20.67 22.03
CA ALA A 116 -19.14 -21.76 21.13
C ALA A 116 -17.93 -22.52 20.56
N GLY A 117 -18.17 -23.67 19.94
CA GLY A 117 -17.17 -24.45 19.19
C GLY A 117 -16.49 -25.51 20.03
N ASP A 118 -15.79 -26.45 19.40
CA ASP A 118 -15.06 -27.51 20.14
C ASP A 118 -13.84 -26.93 20.88
N ALA A 119 -13.25 -27.71 21.75
CA ALA A 119 -12.05 -27.35 22.53
C ALA A 119 -10.92 -27.03 21.53
N GLU A 120 -10.80 -27.80 20.47
CA GLU A 120 -9.70 -27.67 19.49
C GLU A 120 -9.74 -26.24 18.91
N SER A 121 -10.89 -25.74 18.46
CA SER A 121 -10.94 -24.38 17.88
C SER A 121 -10.69 -23.39 19.03
N ARG A 122 -11.32 -23.59 20.17
CA ARG A 122 -11.26 -22.59 21.28
C ARG A 122 -9.80 -22.44 21.70
N VAL A 123 -9.06 -23.54 21.77
CA VAL A 123 -7.66 -23.54 22.24
C VAL A 123 -6.80 -22.96 21.13
N PHE A 124 -7.07 -23.36 19.91
CA PHE A 124 -6.25 -22.90 18.76
C PHE A 124 -6.18 -21.39 18.81
N TYR A 125 -7.36 -20.73 18.96
CA TYR A 125 -7.47 -19.26 18.82
C TYR A 125 -6.86 -18.57 20.05
N LEU A 126 -7.05 -19.10 21.24
CA LEU A 126 -6.45 -18.47 22.45
C LEU A 126 -4.94 -18.64 22.47
N LYS A 127 -4.38 -19.76 22.02
CA LYS A 127 -2.91 -19.90 21.82
C LYS A 127 -2.41 -18.82 20.86
N MET A 128 -3.07 -18.64 19.71
CA MET A 128 -2.66 -17.68 18.67
C MET A 128 -2.70 -16.27 19.26
N LYS A 129 -3.73 -15.92 20.05
CA LYS A 129 -3.74 -14.67 20.84
C LYS A 129 -2.48 -14.52 21.71
N GLY A 130 -2.15 -15.55 22.46
CA GLY A 130 -0.98 -15.55 23.35
C GLY A 130 0.29 -15.34 22.55
N ASP A 131 0.36 -15.95 21.37
CA ASP A 131 1.52 -15.90 20.45
C ASP A 131 1.73 -14.50 19.84
N TYR A 132 0.69 -13.84 19.33
CA TYR A 132 0.84 -12.51 18.70
C TYR A 132 1.05 -11.47 19.83
N TYR A 133 0.47 -11.60 21.02
CA TYR A 133 0.90 -10.74 22.16
C TYR A 133 2.38 -10.99 22.48
N ARG A 134 2.84 -12.23 22.47
CA ARG A 134 4.28 -12.56 22.66
C ARG A 134 5.14 -11.87 21.58
N TYR A 135 4.72 -11.83 20.32
CA TYR A 135 5.49 -11.13 19.25
C TYR A 135 5.51 -9.63 19.53
N LEU A 136 4.43 -9.04 20.05
CA LEU A 136 4.45 -7.62 20.46
C LEU A 136 5.40 -7.44 21.66
N ALA A 137 5.43 -8.35 22.61
CA ALA A 137 6.23 -8.17 23.85
C ALA A 137 7.72 -8.13 23.52
N GLU A 138 8.15 -8.84 22.49
CA GLU A 138 9.58 -8.96 22.05
C GLU A 138 10.13 -7.57 21.63
N VAL A 139 9.28 -6.63 21.25
CA VAL A 139 9.73 -5.34 20.65
C VAL A 139 9.20 -4.21 21.55
N ALA A 140 8.32 -4.48 22.50
CA ALA A 140 7.73 -3.45 23.40
C ALA A 140 8.74 -2.96 24.44
N THR A 141 8.50 -1.78 25.03
CA THR A 141 9.24 -1.25 26.21
C THR A 141 8.27 -0.74 27.28
N GLY A 142 8.78 -0.58 28.52
CA GLY A 142 8.14 0.18 29.61
C GLY A 142 6.78 -0.33 30.03
N ASP A 143 5.88 0.59 30.35
CA ASP A 143 4.50 0.28 30.78
C ASP A 143 3.77 -0.54 29.69
N ASP A 144 3.99 -0.24 28.40
CA ASP A 144 3.28 -0.93 27.29
C ASP A 144 3.67 -2.40 27.35
N LYS A 145 4.96 -2.69 27.44
CA LYS A 145 5.44 -4.09 27.58
C LYS A 145 4.75 -4.84 28.72
N LYS A 146 4.64 -4.25 29.92
CA LYS A 146 4.00 -4.88 31.11
C LYS A 146 2.55 -5.25 30.78
N ARG A 147 1.75 -4.33 30.21
CA ARG A 147 0.36 -4.63 29.81
C ARG A 147 0.37 -5.81 28.85
N ILE A 148 1.27 -5.79 27.87
CA ILE A 148 1.29 -6.80 26.76
C ILE A 148 1.66 -8.14 27.39
N ILE A 149 2.60 -8.16 28.34
CA ILE A 149 3.01 -9.46 28.92
C ILE A 149 1.81 -10.07 29.64
N ASP A 150 0.98 -9.25 30.31
CA ASP A 150 -0.20 -9.67 31.09
C ASP A 150 -1.27 -10.24 30.16
N SER A 151 -1.48 -9.61 28.99
CA SER A 151 -2.43 -10.03 27.94
C SER A 151 -1.98 -11.39 27.39
N ALA A 152 -0.70 -11.59 27.11
CA ALA A 152 -0.16 -12.88 26.62
C ALA A 152 -0.41 -13.97 27.66
N ARG A 153 -0.04 -13.72 28.93
CA ARG A 153 -0.23 -14.69 30.04
C ARG A 153 -1.70 -15.07 30.15
N SER A 154 -2.63 -14.13 30.22
CA SER A 154 -4.08 -14.49 30.36
C SER A 154 -4.56 -15.31 29.18
N ALA A 155 -4.19 -14.97 27.94
CA ALA A 155 -4.64 -15.81 26.80
C ALA A 155 -4.04 -17.25 26.93
N TYR A 156 -2.75 -17.37 27.23
CA TYR A 156 -2.10 -18.71 27.30
C TYR A 156 -2.78 -19.52 28.44
N GLN A 157 -3.02 -18.88 29.58
N GLN A 157 -3.03 -18.88 29.58
CA GLN A 157 -3.56 -19.55 30.79
CA GLN A 157 -3.53 -19.53 30.83
C GLN A 157 -4.97 -20.04 30.46
C GLN A 157 -4.99 -19.96 30.62
N GLU A 158 -5.79 -19.18 29.87
CA GLU A 158 -7.15 -19.62 29.49
C GLU A 158 -7.07 -20.79 28.50
N ALA A 159 -6.20 -20.72 27.47
CA ALA A 159 -5.99 -21.86 26.54
C ALA A 159 -5.56 -23.10 27.32
N MET A 160 -4.63 -22.97 28.29
CA MET A 160 -4.14 -24.15 29.09
C MET A 160 -5.27 -24.78 29.92
N ASP A 161 -6.08 -23.98 30.58
CA ASP A 161 -7.23 -24.44 31.41
C ASP A 161 -8.12 -25.31 30.52
N ILE A 162 -8.47 -24.83 29.32
CA ILE A 162 -9.37 -25.63 28.44
C ILE A 162 -8.62 -26.90 28.02
N SER A 163 -7.38 -26.82 27.56
CA SER A 163 -6.67 -28.01 27.03
C SER A 163 -6.50 -29.10 28.12
N LYS A 164 -6.35 -28.70 29.37
CA LYS A 164 -6.18 -29.62 30.52
C LYS A 164 -7.47 -30.41 30.74
N LYS A 165 -8.62 -29.79 30.54
CA LYS A 165 -9.96 -30.37 30.78
C LYS A 165 -10.43 -31.16 29.55
N GLU A 166 -10.16 -30.72 28.32
CA GLU A 166 -10.93 -31.20 27.14
C GLU A 166 -10.01 -31.86 26.11
N MET A 167 -8.73 -32.07 26.40
CA MET A 167 -7.84 -32.76 25.42
C MET A 167 -6.90 -33.72 26.12
N PRO A 168 -6.48 -34.80 25.42
CA PRO A 168 -5.50 -35.72 25.98
C PRO A 168 -4.14 -35.05 26.01
N PRO A 169 -3.25 -35.43 26.96
CA PRO A 169 -1.94 -34.80 27.08
C PRO A 169 -0.98 -34.95 25.91
N THR A 170 -1.32 -35.78 24.91
CA THR A 170 -0.54 -36.00 23.67
C THR A 170 -1.11 -35.20 22.48
N ASN A 171 -2.20 -34.47 22.69
CA ASN A 171 -2.87 -33.72 21.60
C ASN A 171 -1.86 -32.71 21.04
N PRO A 172 -1.60 -32.68 19.71
CA PRO A 172 -0.60 -31.77 19.17
C PRO A 172 -0.89 -30.29 19.47
N ILE A 173 -2.16 -29.91 19.52
CA ILE A 173 -2.55 -28.49 19.82
C ILE A 173 -2.16 -28.19 21.27
N ARG A 174 -2.42 -29.12 22.20
CA ARG A 174 -2.13 -28.92 23.64
C ARG A 174 -0.62 -28.84 23.88
N LEU A 175 0.15 -29.66 23.15
CA LEU A 175 1.63 -29.69 23.26
C LEU A 175 2.20 -28.37 22.72
N GLY A 176 1.70 -27.94 21.55
CA GLY A 176 2.17 -26.69 20.91
C GLY A 176 1.92 -25.51 21.83
N LEU A 177 0.74 -25.49 22.45
CA LEU A 177 0.37 -24.44 23.41
C LEU A 177 1.33 -24.45 24.62
N ALA A 178 1.58 -25.63 25.17
CA ALA A 178 2.45 -25.77 26.37
C ALA A 178 3.89 -25.35 26.04
N LEU A 179 4.38 -25.73 24.86
CA LEU A 179 5.70 -25.29 24.33
C LEU A 179 5.73 -23.76 24.25
N ASN A 180 4.72 -23.14 23.63
CA ASN A 180 4.75 -21.68 23.36
C ASN A 180 4.69 -20.98 24.70
N PHE A 181 3.95 -21.52 25.65
CA PHE A 181 3.79 -20.91 27.00
C PHE A 181 5.08 -21.02 27.80
N SER A 182 5.83 -22.12 27.67
CA SER A 182 7.18 -22.26 28.30
C SER A 182 8.16 -21.26 27.65
N VAL A 183 8.05 -21.05 26.34
CA VAL A 183 8.88 -20.07 25.59
C VAL A 183 8.57 -18.69 26.15
N PHE A 184 7.29 -18.38 26.41
CA PHE A 184 6.87 -17.09 27.01
C PHE A 184 7.50 -16.96 28.41
N HIS A 185 7.35 -17.96 29.26
CA HIS A 185 7.93 -17.98 30.64
C HIS A 185 9.42 -17.66 30.57
N TYR A 186 10.14 -18.30 29.65
CA TYR A 186 11.62 -18.18 29.56
C TYR A 186 12.06 -16.86 28.88
N GLU A 187 11.59 -16.60 27.65
CA GLU A 187 12.11 -15.50 26.79
C GLU A 187 11.49 -14.14 27.21
N ILE A 188 10.25 -14.13 27.70
CA ILE A 188 9.45 -12.87 27.81
C ILE A 188 9.27 -12.45 29.27
N ALA A 189 8.90 -13.36 30.16
CA ALA A 189 8.46 -13.04 31.54
C ALA A 189 9.60 -13.22 32.54
N ASN A 190 10.85 -13.41 32.08
CA ASN A 190 12.05 -13.72 32.93
C ASN A 190 11.66 -14.72 34.03
N SER A 191 11.14 -15.90 33.69
CA SER A 191 10.75 -16.95 34.68
C SER A 191 11.21 -18.31 34.19
N PRO A 192 12.54 -18.58 34.21
CA PRO A 192 13.05 -19.86 33.72
C PRO A 192 12.61 -21.07 34.54
N GLU A 193 12.41 -20.94 35.87
CA GLU A 193 11.97 -22.09 36.72
C GLU A 193 10.61 -22.57 36.16
N GLU A 194 9.63 -21.66 36.07
CA GLU A 194 8.24 -21.90 35.60
C GLU A 194 8.28 -22.49 34.18
N ALA A 195 9.22 -22.03 33.37
CA ALA A 195 9.43 -22.52 31.99
C ALA A 195 9.86 -23.98 32.04
N ILE A 196 10.89 -24.29 32.86
CA ILE A 196 11.47 -25.66 32.93
C ILE A 196 10.41 -26.60 33.48
N SER A 197 9.74 -26.21 34.57
CA SER A 197 8.65 -27.00 35.23
C SER A 197 7.56 -27.35 34.21
N LEU A 198 7.08 -26.37 33.46
CA LEU A 198 5.98 -26.60 32.48
C LEU A 198 6.45 -27.53 31.35
N ALA A 199 7.60 -27.28 30.72
CA ALA A 199 8.08 -28.12 29.60
C ALA A 199 8.26 -29.57 30.09
N LYS A 200 8.79 -29.77 31.30
CA LYS A 200 9.12 -31.10 31.90
C LYS A 200 7.84 -31.89 32.23
N THR A 201 6.89 -31.25 32.91
CA THR A 201 5.55 -31.80 33.23
C THR A 201 4.83 -32.17 31.93
N THR A 202 4.84 -31.26 30.96
CA THR A 202 4.14 -31.49 29.67
C THR A 202 4.79 -32.71 29.00
N PHE A 203 6.12 -32.79 29.00
CA PHE A 203 6.84 -33.95 28.39
C PHE A 203 6.35 -35.25 29.05
N ASP A 204 6.45 -35.31 30.39
CA ASP A 204 6.23 -36.51 31.22
C ASP A 204 4.79 -36.97 31.06
N GLU A 205 3.83 -36.06 31.24
CA GLU A 205 2.38 -36.35 31.12
C GLU A 205 2.06 -36.91 29.72
N ALA A 206 2.82 -36.53 28.68
CA ALA A 206 2.54 -36.97 27.28
C ALA A 206 3.19 -38.34 27.01
N MET A 207 4.42 -38.54 27.51
CA MET A 207 5.18 -39.83 27.51
C MET A 207 4.24 -41.00 27.84
N ALA A 208 3.45 -40.84 28.90
CA ALA A 208 2.54 -41.84 29.48
C ALA A 208 1.41 -42.30 28.54
N ASP A 209 0.98 -41.52 27.52
CA ASP A 209 -0.25 -41.86 26.73
C ASP A 209 0.11 -42.32 25.30
N LEU A 210 1.41 -42.39 24.97
CA LEU A 210 1.91 -42.56 23.58
C LEU A 210 1.45 -43.90 22.96
N HIS A 211 1.25 -44.93 23.80
CA HIS A 211 0.92 -46.31 23.34
C HIS A 211 -0.48 -46.40 22.71
N THR A 212 -1.36 -45.43 22.99
CA THR A 212 -2.74 -45.40 22.42
C THR A 212 -2.73 -44.92 20.97
N LEU A 213 -1.63 -44.30 20.51
CA LEU A 213 -1.59 -43.47 19.27
C LEU A 213 -1.23 -44.33 18.04
N SER A 214 -2.02 -44.24 16.97
CA SER A 214 -1.65 -44.74 15.62
C SER A 214 -0.31 -44.11 15.18
N GLU A 215 0.27 -44.62 14.10
CA GLU A 215 1.60 -44.18 13.58
C GLU A 215 1.56 -42.67 13.32
N ASP A 216 0.54 -42.21 12.57
CA ASP A 216 0.28 -40.80 12.18
C ASP A 216 0.39 -39.90 13.42
N SER A 217 -0.48 -40.08 14.40
CA SER A 217 -0.59 -39.17 15.56
C SER A 217 0.58 -39.41 16.53
N TYR A 218 1.24 -40.58 16.47
CA TYR A 218 2.52 -40.81 17.22
C TYR A 218 3.60 -39.84 16.72
N LYS A 219 3.75 -39.74 15.39
CA LYS A 219 4.78 -38.83 14.78
C LYS A 219 4.51 -37.40 15.26
N ASP A 220 3.26 -36.95 15.10
CA ASP A 220 2.80 -35.55 15.36
C ASP A 220 3.08 -35.20 16.82
N SER A 221 2.75 -36.08 17.77
CA SER A 221 3.00 -35.83 19.22
C SER A 221 4.52 -35.75 19.47
N THR A 222 5.30 -36.69 18.93
CA THR A 222 6.74 -36.82 19.24
C THR A 222 7.53 -35.70 18.56
N LEU A 223 7.09 -35.25 17.38
CA LEU A 223 7.79 -34.11 16.73
C LEU A 223 7.86 -33.00 17.77
N ILE A 224 6.73 -32.64 18.40
CA ILE A 224 6.59 -31.49 19.33
C ILE A 224 7.22 -31.83 20.67
N MET A 225 7.02 -33.06 21.15
CA MET A 225 7.66 -33.48 22.43
C MET A 225 9.19 -33.32 22.33
N GLN A 226 9.81 -33.54 21.17
CA GLN A 226 11.28 -33.34 20.99
C GLN A 226 11.62 -31.85 21.18
N LEU A 227 10.86 -30.94 20.56
CA LEU A 227 11.10 -29.46 20.72
C LEU A 227 11.10 -29.12 22.22
N LEU A 228 10.25 -29.75 23.03
CA LEU A 228 10.25 -29.49 24.50
C LEU A 228 11.58 -29.94 25.12
N ARG A 229 12.05 -31.12 24.74
CA ARG A 229 13.28 -31.74 25.29
C ARG A 229 14.50 -30.90 24.86
N ASP A 230 14.56 -30.48 23.59
CA ASP A 230 15.62 -29.59 23.02
C ASP A 230 15.69 -28.26 23.81
N ASN A 231 14.55 -27.63 24.11
CA ASN A 231 14.53 -26.41 24.97
C ASN A 231 15.01 -26.83 26.37
N LEU A 232 14.56 -27.95 26.91
CA LEU A 232 15.00 -28.40 28.26
C LEU A 232 16.53 -28.55 28.27
N THR A 233 17.09 -29.26 27.28
CA THR A 233 18.57 -29.40 27.09
C THR A 233 19.22 -28.01 27.18
N LEU A 234 18.70 -27.03 26.44
CA LEU A 234 19.27 -25.64 26.37
C LEU A 234 19.09 -24.88 27.70
N TRP A 235 18.01 -25.10 28.45
CA TRP A 235 17.67 -24.28 29.65
C TRP A 235 18.29 -24.88 30.94
N THR A 236 18.59 -26.19 30.96
CA THR A 236 19.02 -27.00 32.14
C THR A 236 20.45 -27.54 31.95
N ARG B 3 21.77 -24.27 18.70
CA ARG B 3 20.47 -24.37 19.43
C ARG B 3 20.17 -23.00 20.07
N ARG B 4 19.01 -22.42 19.73
CA ARG B 4 18.36 -21.31 20.49
C ARG B 4 16.95 -21.81 20.86
N THR B 5 16.23 -21.11 21.75
CA THR B 5 14.85 -21.45 22.15
C THR B 5 13.99 -21.51 20.89
N ILE B 6 13.19 -22.56 20.72
CA ILE B 6 12.33 -22.65 19.51
C ILE B 6 10.89 -22.82 19.95
N SEP B 7 9.95 -22.39 19.09
CA SEP B 7 8.53 -22.39 19.39
CB SEP B 7 8.00 -20.94 19.36
OG SEP B 7 8.20 -20.40 18.05
C SEP B 7 7.81 -23.34 18.44
O SEP B 7 8.48 -23.99 17.65
P SEP B 7 7.72 -18.90 17.74
O1P SEP B 7 8.07 -18.62 16.31
O2P SEP B 7 6.16 -18.93 17.94
O3P SEP B 7 8.43 -17.98 18.68
N ALA B 8 6.47 -23.50 18.58
CA ALA B 8 5.73 -24.51 17.85
C ALA B 8 5.87 -24.21 16.37
N PRO B 9 6.13 -25.20 15.50
CA PRO B 9 6.10 -24.99 14.06
C PRO B 9 4.64 -25.01 13.58
N VAL B 10 4.39 -24.68 12.31
CA VAL B 10 3.06 -24.90 11.67
C VAL B 10 3.26 -25.86 10.50
N VAL B 11 2.69 -27.06 10.63
CA VAL B 11 2.89 -28.25 9.75
C VAL B 11 1.92 -28.16 8.57
N ALA C 2 8.33 10.87 -1.04
CA ALA C 2 8.24 9.61 -0.16
C ALA C 2 9.60 9.31 0.48
N MET C 3 10.64 9.20 -0.34
CA MET C 3 12.06 9.23 0.10
C MET C 3 12.64 10.65 -0.11
N GLY C 4 11.83 11.58 -0.61
CA GLY C 4 12.22 12.98 -0.95
C GLY C 4 12.86 13.72 0.22
N SER C 5 12.44 13.46 1.47
CA SER C 5 12.92 14.21 2.66
C SER C 5 14.21 13.60 3.20
N MET C 6 14.61 12.43 2.68
CA MET C 6 15.81 11.74 3.19
C MET C 6 17.04 12.10 2.37
N GLU C 7 18.16 12.28 3.06
CA GLU C 7 19.50 12.52 2.46
C GLU C 7 19.88 11.32 1.58
N ARG C 8 20.53 11.59 0.48
CA ARG C 8 21.02 10.56 -0.45
C ARG C 8 21.89 9.55 0.28
N ALA C 9 22.82 10.01 1.13
CA ALA C 9 23.75 9.07 1.82
C ALA C 9 22.94 8.13 2.72
N SER C 10 21.88 8.66 3.35
CA SER C 10 21.01 7.94 4.32
C SER C 10 20.18 6.88 3.57
N LEU C 11 19.71 7.19 2.35
CA LEU C 11 18.98 6.21 1.50
C LEU C 11 19.94 5.07 1.15
N ILE C 12 21.17 5.37 0.72
CA ILE C 12 22.17 4.33 0.38
C ILE C 12 22.40 3.44 1.62
N GLN C 13 22.64 4.01 2.81
CA GLN C 13 22.85 3.22 4.06
C GLN C 13 21.67 2.27 4.29
N LYS C 14 20.44 2.76 4.20
CA LYS C 14 19.20 1.98 4.48
C LYS C 14 18.97 0.93 3.39
N ALA C 15 19.35 1.19 2.15
CA ALA C 15 19.34 0.17 1.09
C ALA C 15 20.23 -0.98 1.52
N LYS C 16 21.37 -0.68 2.13
CA LYS C 16 22.31 -1.73 2.59
C LYS C 16 21.73 -2.50 3.78
N LEU C 17 21.08 -1.83 4.73
CA LEU C 17 20.38 -2.49 5.86
C LEU C 17 19.23 -3.39 5.34
N ALA C 18 18.45 -2.92 4.36
CA ALA C 18 17.32 -3.69 3.79
C ALA C 18 17.85 -4.95 3.11
N GLU C 19 19.00 -4.86 2.46
CA GLU C 19 19.66 -6.04 1.85
C GLU C 19 20.09 -7.00 2.99
N GLN C 20 20.69 -6.50 4.07
CA GLN C 20 21.10 -7.36 5.22
C GLN C 20 19.84 -7.97 5.86
N ALA C 21 18.70 -7.27 5.86
CA ALA C 21 17.44 -7.81 6.43
C ALA C 21 16.63 -8.60 5.38
N GLU C 22 17.11 -8.81 4.15
CA GLU C 22 16.36 -9.37 2.99
C GLU C 22 15.00 -8.70 2.81
N ARG C 23 14.95 -7.38 2.90
CA ARG C 23 13.72 -6.60 2.65
C ARG C 23 13.88 -5.90 1.30
N TYR C 24 13.71 -6.65 0.23
CA TYR C 24 14.18 -6.24 -1.12
C TYR C 24 13.24 -5.16 -1.63
N GLU C 25 11.99 -5.20 -1.21
CA GLU C 25 11.01 -4.14 -1.58
C GLU C 25 11.43 -2.79 -0.97
N ASP C 26 11.80 -2.77 0.30
CA ASP C 26 12.37 -1.60 1.01
C ASP C 26 13.65 -1.18 0.31
N MET C 27 14.50 -2.13 -0.02
CA MET C 27 15.82 -1.83 -0.64
C MET C 27 15.57 -1.13 -1.99
N ALA C 28 14.70 -1.68 -2.81
CA ALA C 28 14.30 -1.08 -4.11
C ALA C 28 13.74 0.34 -3.90
N ALA C 29 12.95 0.61 -2.87
CA ALA C 29 12.30 1.96 -2.72
C ALA C 29 13.35 2.94 -2.22
N PHE C 30 14.32 2.50 -1.43
CA PHE C 30 15.45 3.36 -0.98
C PHE C 30 16.32 3.70 -2.19
N MET C 31 16.71 2.70 -3.00
CA MET C 31 17.56 2.95 -4.20
C MET C 31 16.81 3.83 -5.21
N LYS C 32 15.51 3.65 -5.40
CA LYS C 32 14.75 4.57 -6.29
C LYS C 32 14.85 6.02 -5.80
N GLY C 33 14.65 6.26 -4.50
CA GLY C 33 14.82 7.62 -3.91
C GLY C 33 16.25 8.14 -4.11
N ALA C 34 17.25 7.28 -4.07
CA ALA C 34 18.67 7.65 -4.34
C ALA C 34 18.80 8.14 -5.79
N VAL C 35 18.34 7.33 -6.75
CA VAL C 35 18.39 7.67 -8.19
C VAL C 35 17.73 9.04 -8.39
N GLU C 36 16.56 9.25 -7.77
CA GLU C 36 15.76 10.47 -7.91
C GLU C 36 16.49 11.68 -7.34
N LYS C 37 17.59 11.53 -6.59
CA LYS C 37 18.42 12.70 -6.19
C LYS C 37 19.07 13.36 -7.41
N GLY C 38 19.22 12.65 -8.54
CA GLY C 38 19.58 13.24 -9.84
C GLY C 38 21.08 13.25 -10.11
N GLU C 39 21.89 12.65 -9.23
CA GLU C 39 23.36 12.46 -9.40
C GLU C 39 23.61 11.06 -9.98
N GLU C 40 24.72 10.88 -10.68
CA GLU C 40 25.11 9.57 -11.23
C GLU C 40 25.28 8.57 -10.09
N LEU C 41 25.03 7.30 -10.39
CA LEU C 41 25.31 6.17 -9.46
C LEU C 41 26.76 5.69 -9.66
N SER C 42 27.46 5.43 -8.55
CA SER C 42 28.72 4.67 -8.51
C SER C 42 28.49 3.24 -9.02
N CYS C 43 29.55 2.52 -9.37
CA CYS C 43 29.51 1.07 -9.75
C CYS C 43 28.82 0.30 -8.60
N GLU C 44 29.22 0.52 -7.33
CA GLU C 44 28.60 -0.17 -6.18
C GLU C 44 27.09 0.18 -6.08
N GLU C 45 26.68 1.41 -6.32
CA GLU C 45 25.26 1.84 -6.16
C GLU C 45 24.42 1.19 -7.25
N ARG C 46 24.94 1.17 -8.47
CA ARG C 46 24.34 0.51 -9.65
C ARG C 46 24.00 -0.91 -9.27
N ASN C 47 24.94 -1.59 -8.63
CA ASN C 47 24.76 -3.03 -8.29
C ASN C 47 23.66 -3.15 -7.21
N LEU C 48 23.60 -2.25 -6.23
CA LEU C 48 22.55 -2.28 -5.17
C LEU C 48 21.17 -2.08 -5.82
N LEU C 49 21.02 -1.16 -6.76
CA LEU C 49 19.73 -0.94 -7.49
C LEU C 49 19.30 -2.19 -8.27
N SER C 50 20.25 -2.79 -8.93
CA SER C 50 20.02 -3.96 -9.80
C SER C 50 19.63 -5.14 -8.90
N VAL C 51 20.38 -5.35 -7.84
CA VAL C 51 20.06 -6.42 -6.85
C VAL C 51 18.65 -6.20 -6.32
N ALA C 52 18.29 -4.98 -5.90
CA ALA C 52 16.99 -4.76 -5.23
C ALA C 52 15.86 -5.14 -6.18
N TYR C 53 15.83 -4.54 -7.38
CA TYR C 53 14.73 -4.78 -8.36
C TYR C 53 14.79 -6.20 -8.92
N LYS C 54 15.99 -6.81 -9.06
CA LYS C 54 16.09 -8.22 -9.54
C LYS C 54 15.40 -9.14 -8.52
N ASN C 55 15.60 -8.95 -7.22
CA ASN C 55 14.91 -9.77 -6.16
C ASN C 55 13.38 -9.51 -6.13
N VAL C 56 12.92 -8.27 -6.19
CA VAL C 56 11.45 -8.00 -6.30
C VAL C 56 10.90 -8.72 -7.54
N VAL C 57 11.45 -8.46 -8.71
CA VAL C 57 10.82 -8.96 -9.96
C VAL C 57 11.02 -10.46 -9.97
N GLY C 58 12.10 -10.95 -9.34
CA GLY C 58 12.41 -12.39 -9.16
C GLY C 58 11.24 -13.16 -8.56
N GLY C 59 10.80 -12.74 -7.37
CA GLY C 59 9.67 -13.32 -6.63
C GLY C 59 8.37 -13.32 -7.46
N GLN C 60 8.09 -12.23 -8.16
CA GLN C 60 6.88 -12.11 -9.02
C GLN C 60 6.92 -13.03 -10.24
N ARG C 61 8.06 -13.15 -10.92
CA ARG C 61 8.19 -14.03 -12.10
C ARG C 61 8.05 -15.48 -11.68
N ALA C 62 8.58 -15.87 -10.50
CA ALA C 62 8.52 -17.26 -9.97
C ALA C 62 7.07 -17.61 -9.59
N ALA C 63 6.37 -16.73 -8.87
CA ALA C 63 4.93 -16.83 -8.57
C ALA C 63 4.14 -16.97 -9.88
N TRP C 64 4.43 -16.09 -10.82
CA TRP C 64 3.70 -16.04 -12.11
C TRP C 64 3.86 -17.37 -12.83
N ARG C 65 5.05 -17.98 -12.71
CA ARG C 65 5.34 -19.23 -13.41
C ARG C 65 4.50 -20.32 -12.77
N VAL C 66 4.50 -20.36 -11.44
CA VAL C 66 3.78 -21.39 -10.63
C VAL C 66 2.29 -21.32 -10.99
N LEU C 67 1.70 -20.12 -11.09
CA LEU C 67 0.26 -19.98 -11.39
C LEU C 67 -0.02 -20.29 -12.86
N SER C 68 0.82 -19.84 -13.79
CA SER C 68 0.66 -20.12 -15.25
C SER C 68 0.60 -21.63 -15.47
N SER C 69 1.50 -22.42 -14.88
CA SER C 69 1.52 -23.89 -15.06
C SER C 69 0.21 -24.48 -14.52
N ILE C 70 -0.22 -24.09 -13.30
CA ILE C 70 -1.55 -24.49 -12.74
C ILE C 70 -2.67 -24.15 -13.73
N GLU C 71 -2.68 -22.93 -14.26
CA GLU C 71 -3.70 -22.48 -15.26
C GLU C 71 -3.73 -23.41 -16.48
N GLN C 72 -2.58 -23.96 -16.90
CA GLN C 72 -2.39 -24.69 -18.19
C GLN C 72 -2.98 -26.11 -18.07
N LYS C 73 -2.63 -26.84 -17.00
CA LYS C 73 -3.44 -27.97 -16.47
C LYS C 73 -4.81 -27.44 -16.03
N SER C 74 -5.67 -27.03 -16.97
CA SER C 74 -7.04 -26.50 -16.75
C SER C 74 -7.02 -25.41 -15.68
N LYS C 82 -12.83 -25.98 -13.87
CA LYS C 82 -12.24 -24.69 -14.30
C LYS C 82 -13.17 -23.55 -13.87
N GLY C 83 -12.94 -23.01 -12.65
CA GLY C 83 -13.44 -21.69 -12.18
C GLY C 83 -12.42 -20.60 -12.52
N PRO C 84 -12.78 -19.31 -12.45
CA PRO C 84 -11.86 -18.26 -12.90
C PRO C 84 -10.74 -17.83 -11.92
N GLU C 85 -10.59 -18.49 -10.77
CA GLU C 85 -9.78 -18.00 -9.62
C GLU C 85 -8.29 -18.02 -9.99
N VAL C 86 -7.81 -19.08 -10.64
CA VAL C 86 -6.38 -19.23 -11.03
C VAL C 86 -6.04 -18.12 -12.03
N ARG C 87 -6.85 -17.93 -13.07
CA ARG C 87 -6.63 -16.81 -14.04
C ARG C 87 -6.64 -15.44 -13.34
N GLU C 88 -7.64 -15.16 -12.50
CA GLU C 88 -7.77 -13.89 -11.73
C GLU C 88 -6.51 -13.67 -10.90
N TYR C 89 -6.03 -14.67 -10.16
CA TYR C 89 -4.83 -14.45 -9.32
C TYR C 89 -3.58 -14.32 -10.20
N ARG C 90 -3.46 -15.14 -11.24
CA ARG C 90 -2.33 -15.01 -12.21
C ARG C 90 -2.32 -13.56 -12.71
N GLU C 91 -3.49 -13.02 -13.04
CA GLU C 91 -3.62 -11.65 -13.60
C GLU C 91 -3.20 -10.58 -12.57
N LYS C 92 -3.46 -10.77 -11.27
CA LYS C 92 -3.12 -9.77 -10.23
C LYS C 92 -1.61 -9.75 -10.12
N VAL C 93 -0.96 -10.91 -10.13
CA VAL C 93 0.52 -11.04 -9.98
C VAL C 93 1.20 -10.44 -11.22
N GLU C 94 0.64 -10.72 -12.39
CA GLU C 94 1.04 -10.15 -13.69
C GLU C 94 1.08 -8.64 -13.61
N THR C 95 -0.01 -8.06 -13.13
CA THR C 95 -0.26 -6.62 -12.98
C THR C 95 0.79 -6.03 -12.03
N GLU C 96 1.06 -6.65 -10.88
CA GLU C 96 2.14 -6.15 -10.00
C GLU C 96 3.48 -6.15 -10.73
N LEU C 97 3.85 -7.24 -11.38
CA LEU C 97 5.16 -7.39 -12.10
C LEU C 97 5.30 -6.29 -13.15
N GLN C 98 4.24 -6.03 -13.93
CA GLN C 98 4.24 -4.93 -14.94
C GLN C 98 4.46 -3.59 -14.21
N GLY C 99 3.86 -3.37 -13.05
CA GLY C 99 4.06 -2.16 -12.22
C GLY C 99 5.52 -1.97 -11.89
N VAL C 100 6.19 -3.04 -11.52
CA VAL C 100 7.64 -2.94 -11.16
C VAL C 100 8.54 -2.73 -12.41
N CYS C 101 8.35 -3.49 -13.48
CA CYS C 101 9.07 -3.28 -14.77
C CYS C 101 8.89 -1.85 -15.29
N ASP C 102 7.69 -1.30 -15.20
CA ASP C 102 7.42 0.09 -15.65
C ASP C 102 8.20 1.08 -14.79
N THR C 103 8.30 0.85 -13.46
CA THR C 103 9.08 1.72 -12.57
C THR C 103 10.56 1.68 -12.99
N VAL C 104 11.14 0.51 -13.17
CA VAL C 104 12.57 0.36 -13.59
C VAL C 104 12.78 1.05 -14.92
N LEU C 105 11.92 0.79 -15.94
CA LEU C 105 12.09 1.36 -17.30
C LEU C 105 11.97 2.88 -17.24
N GLY C 106 11.10 3.39 -16.39
CA GLY C 106 10.99 4.84 -16.17
C GLY C 106 12.26 5.41 -15.55
N LEU C 107 12.83 4.82 -14.49
CA LEU C 107 14.08 5.31 -13.84
C LEU C 107 15.22 5.26 -14.86
N LEU C 108 15.36 4.16 -15.59
CA LEU C 108 16.38 4.02 -16.66
C LEU C 108 16.26 5.19 -17.65
N ASP C 109 15.08 5.44 -18.20
CA ASP C 109 14.95 6.44 -19.30
C ASP C 109 14.95 7.87 -18.73
N SER C 110 14.46 8.10 -17.52
CA SER C 110 14.42 9.48 -16.93
C SER C 110 15.78 9.86 -16.35
N HIS C 111 16.53 8.94 -15.72
CA HIS C 111 17.72 9.27 -14.91
C HIS C 111 19.00 8.52 -15.32
N LEU C 112 18.96 7.26 -15.75
CA LEU C 112 20.24 6.50 -15.76
C LEU C 112 20.91 6.39 -17.13
N ILE C 113 20.12 6.34 -18.20
CA ILE C 113 20.62 6.13 -19.58
C ILE C 113 21.01 7.53 -20.08
N LYS C 114 22.28 7.71 -20.44
CA LYS C 114 22.93 8.98 -20.89
C LYS C 114 23.86 8.62 -22.07
N GLU C 115 24.20 9.59 -22.93
CA GLU C 115 25.27 9.43 -23.96
C GLU C 115 26.67 9.58 -23.31
N ALA C 116 26.77 10.17 -22.13
CA ALA C 116 28.05 10.33 -21.40
C ALA C 116 28.48 9.00 -20.75
N GLY C 117 29.70 8.97 -20.23
CA GLY C 117 30.20 7.91 -19.33
C GLY C 117 31.03 6.86 -20.06
N ASP C 118 31.67 6.02 -19.29
CA ASP C 118 32.41 4.87 -19.81
C ASP C 118 31.42 3.86 -20.39
N ALA C 119 32.00 2.92 -21.13
CA ALA C 119 31.32 1.77 -21.75
C ALA C 119 30.65 0.89 -20.66
N GLU C 120 31.30 0.71 -19.52
CA GLU C 120 30.78 -0.11 -18.40
C GLU C 120 29.40 0.43 -18.00
N SER C 121 29.26 1.73 -17.69
CA SER C 121 27.99 2.30 -17.19
C SER C 121 26.91 2.25 -18.29
N ARG C 122 27.25 2.51 -19.54
CA ARG C 122 26.24 2.71 -20.63
C ARG C 122 25.68 1.35 -21.00
N VAL C 123 26.53 0.32 -20.98
CA VAL C 123 26.12 -1.06 -21.37
C VAL C 123 25.30 -1.63 -20.23
N PHE C 124 25.73 -1.40 -18.97
CA PHE C 124 25.05 -1.90 -17.75
C PHE C 124 23.58 -1.46 -17.81
N TYR C 125 23.32 -0.19 -18.11
CA TYR C 125 21.94 0.37 -18.09
C TYR C 125 21.15 -0.05 -19.33
N LEU C 126 21.78 -0.17 -20.48
CA LEU C 126 21.01 -0.63 -21.68
C LEU C 126 20.66 -2.12 -21.56
N LYS C 127 21.58 -2.94 -21.04
CA LYS C 127 21.30 -4.35 -20.69
C LYS C 127 20.09 -4.44 -19.74
N MET C 128 20.09 -3.64 -18.68
CA MET C 128 18.98 -3.63 -17.68
C MET C 128 17.68 -3.31 -18.42
N LYS C 129 17.70 -2.33 -19.30
CA LYS C 129 16.51 -1.96 -20.11
C LYS C 129 15.99 -3.14 -20.92
N GLY C 130 16.90 -3.90 -21.51
CA GLY C 130 16.57 -5.13 -22.24
C GLY C 130 15.95 -6.17 -21.35
N ASP C 131 16.55 -6.38 -20.19
CA ASP C 131 16.09 -7.34 -19.16
C ASP C 131 14.65 -6.98 -18.75
N TYR C 132 14.35 -5.74 -18.39
CA TYR C 132 13.00 -5.40 -17.86
C TYR C 132 11.96 -5.43 -19.02
N TYR C 133 12.28 -5.05 -20.27
CA TYR C 133 11.34 -5.29 -21.40
C TYR C 133 11.19 -6.80 -21.60
N ARG C 134 12.25 -7.59 -21.41
CA ARG C 134 12.15 -9.07 -21.52
C ARG C 134 11.21 -9.61 -20.44
N TYR C 135 11.24 -9.08 -19.23
CA TYR C 135 10.32 -9.56 -18.18
C TYR C 135 8.89 -9.21 -18.57
N LEU C 136 8.66 -8.05 -19.16
CA LEU C 136 7.29 -7.69 -19.63
C LEU C 136 6.83 -8.64 -20.77
N ALA C 137 7.74 -8.99 -21.67
CA ALA C 137 7.47 -9.91 -22.80
C ALA C 137 7.02 -11.26 -22.29
N GLU C 138 7.66 -11.77 -21.23
CA GLU C 138 7.32 -13.08 -20.60
C GLU C 138 5.81 -13.18 -20.32
N VAL C 139 5.11 -12.07 -20.08
CA VAL C 139 3.70 -12.12 -19.62
C VAL C 139 2.80 -11.42 -20.64
N ALA C 140 3.35 -10.82 -21.72
CA ALA C 140 2.51 -10.02 -22.66
C ALA C 140 1.79 -10.95 -23.64
N THR C 141 0.76 -10.41 -24.31
CA THR C 141 0.06 -11.04 -25.47
C THR C 141 -0.19 -10.00 -26.58
N GLY C 142 -0.51 -10.47 -27.79
CA GLY C 142 -1.07 -9.68 -28.90
C GLY C 142 -0.16 -8.56 -29.38
N ASP C 143 -0.74 -7.40 -29.69
CA ASP C 143 -0.02 -6.25 -30.31
C ASP C 143 0.95 -5.67 -29.30
N ASP C 144 0.56 -5.66 -28.02
CA ASP C 144 1.42 -5.24 -26.89
C ASP C 144 2.70 -6.09 -26.91
N LYS C 145 2.59 -7.41 -27.02
CA LYS C 145 3.77 -8.29 -27.01
C LYS C 145 4.77 -7.86 -28.10
N LYS C 146 4.29 -7.67 -29.35
CA LYS C 146 5.09 -7.31 -30.55
C LYS C 146 5.89 -6.03 -30.28
N ARG C 147 5.26 -5.00 -29.73
CA ARG C 147 5.94 -3.70 -29.42
C ARG C 147 6.99 -3.92 -28.33
N ILE C 148 6.71 -4.78 -27.32
CA ILE C 148 7.59 -5.02 -26.15
C ILE C 148 8.84 -5.78 -26.61
N ILE C 149 8.64 -6.81 -27.43
CA ILE C 149 9.70 -7.62 -28.06
C ILE C 149 10.62 -6.71 -28.89
N ASP C 150 10.08 -5.80 -29.68
CA ASP C 150 10.91 -4.83 -30.44
C ASP C 150 11.68 -3.93 -29.47
N SER C 151 11.08 -3.46 -28.39
CA SER C 151 11.75 -2.61 -27.36
C SER C 151 12.93 -3.40 -26.77
N ALA C 152 12.74 -4.66 -26.38
CA ALA C 152 13.79 -5.48 -25.75
C ALA C 152 14.91 -5.70 -26.76
N ARG C 153 14.56 -6.05 -27.99
CA ARG C 153 15.53 -6.25 -29.09
C ARG C 153 16.41 -5.03 -29.29
N SER C 154 15.83 -3.83 -29.35
CA SER C 154 16.57 -2.57 -29.62
C SER C 154 17.46 -2.15 -28.44
N ALA C 155 17.02 -2.36 -27.19
CA ALA C 155 17.86 -2.09 -25.98
C ALA C 155 19.08 -3.03 -26.05
N TYR C 156 18.86 -4.32 -26.25
CA TYR C 156 19.94 -5.31 -26.25
C TYR C 156 20.90 -5.04 -27.41
N GLN C 157 20.37 -4.81 -28.63
CA GLN C 157 21.18 -4.55 -29.86
C GLN C 157 22.07 -3.32 -29.66
N GLU C 158 21.50 -2.22 -29.17
CA GLU C 158 22.24 -0.98 -28.83
C GLU C 158 23.35 -1.32 -27.81
N ALA C 159 23.05 -2.15 -26.81
CA ALA C 159 24.02 -2.52 -25.76
C ALA C 159 25.14 -3.40 -26.37
N MET C 160 24.80 -4.29 -27.33
CA MET C 160 25.75 -5.23 -27.97
C MET C 160 26.76 -4.44 -28.79
N ASP C 161 26.29 -3.45 -29.52
CA ASP C 161 27.08 -2.62 -30.47
C ASP C 161 28.08 -1.80 -29.65
N ILE C 162 27.66 -1.25 -28.53
CA ILE C 162 28.64 -0.57 -27.64
C ILE C 162 29.67 -1.60 -27.15
N SER C 163 29.26 -2.76 -26.64
CA SER C 163 30.17 -3.65 -25.90
C SER C 163 31.19 -4.27 -26.86
N LYS C 164 30.81 -4.50 -28.13
CA LYS C 164 31.71 -4.98 -29.21
C LYS C 164 32.78 -3.93 -29.56
N LYS C 165 32.43 -2.64 -29.53
CA LYS C 165 33.31 -1.50 -29.88
C LYS C 165 34.21 -1.13 -28.71
N GLU C 166 33.70 -1.08 -27.48
CA GLU C 166 34.38 -0.38 -26.38
C GLU C 166 34.88 -1.35 -25.32
N MET C 167 34.65 -2.65 -25.47
CA MET C 167 34.97 -3.63 -24.39
C MET C 167 35.63 -4.87 -24.99
N PRO C 168 36.55 -5.50 -24.24
CA PRO C 168 37.12 -6.76 -24.70
C PRO C 168 36.10 -7.88 -24.59
N PRO C 169 36.31 -9.02 -25.28
CA PRO C 169 35.35 -10.13 -25.27
C PRO C 169 35.24 -10.90 -23.96
N THR C 170 36.14 -10.62 -23.02
CA THR C 170 36.16 -11.29 -21.70
C THR C 170 35.39 -10.47 -20.67
N ASN C 171 35.08 -9.19 -20.96
CA ASN C 171 34.48 -8.25 -19.99
C ASN C 171 33.18 -8.84 -19.42
N PRO C 172 33.08 -9.06 -18.10
CA PRO C 172 31.88 -9.70 -17.50
C PRO C 172 30.52 -9.05 -17.85
N ILE C 173 30.50 -7.71 -17.97
CA ILE C 173 29.28 -6.97 -18.35
C ILE C 173 28.89 -7.31 -19.80
N ARG C 174 29.85 -7.33 -20.72
CA ARG C 174 29.63 -7.79 -22.10
C ARG C 174 29.12 -9.23 -22.07
N LEU C 175 29.72 -10.08 -21.24
CA LEU C 175 29.37 -11.51 -21.24
C LEU C 175 27.95 -11.71 -20.69
N GLY C 176 27.59 -11.01 -19.63
CA GLY C 176 26.24 -11.08 -19.04
C GLY C 176 25.22 -10.48 -19.99
N LEU C 177 25.59 -9.42 -20.70
CA LEU C 177 24.70 -8.88 -21.76
C LEU C 177 24.43 -9.98 -22.80
N ALA C 178 25.48 -10.60 -23.32
CA ALA C 178 25.39 -11.61 -24.41
C ALA C 178 24.59 -12.82 -23.96
N LEU C 179 24.79 -13.30 -22.74
CA LEU C 179 23.97 -14.35 -22.06
C LEU C 179 22.49 -13.97 -22.04
N ASN C 180 22.15 -12.73 -21.68
CA ASN C 180 20.72 -12.31 -21.51
C ASN C 180 20.11 -12.12 -22.89
N PHE C 181 20.87 -11.68 -23.89
CA PHE C 181 20.34 -11.51 -25.27
C PHE C 181 20.09 -12.90 -25.89
N SER C 182 20.90 -13.88 -25.51
CA SER C 182 20.75 -15.27 -25.99
C SER C 182 19.49 -15.88 -25.35
N VAL C 183 19.30 -15.63 -24.04
CA VAL C 183 18.05 -16.03 -23.32
C VAL C 183 16.86 -15.40 -24.04
N PHE C 184 16.96 -14.16 -24.47
CA PHE C 184 15.85 -13.45 -25.13
C PHE C 184 15.52 -14.17 -26.44
N HIS C 185 16.56 -14.56 -27.18
CA HIS C 185 16.45 -15.26 -28.49
C HIS C 185 15.73 -16.61 -28.31
N TYR C 186 16.06 -17.34 -27.27
CA TYR C 186 15.52 -18.70 -26.99
C TYR C 186 14.11 -18.64 -26.39
N GLU C 187 13.90 -17.80 -25.37
CA GLU C 187 12.67 -17.80 -24.53
C GLU C 187 11.58 -16.89 -25.10
N ILE C 188 11.94 -15.77 -25.72
CA ILE C 188 10.96 -14.71 -26.09
C ILE C 188 10.75 -14.63 -27.60
N ALA C 189 11.83 -14.65 -28.39
CA ALA C 189 11.78 -14.34 -29.83
C ALA C 189 11.60 -15.64 -30.61
N ASN C 190 11.63 -16.78 -29.93
CA ASN C 190 11.40 -18.12 -30.52
C ASN C 190 12.38 -18.30 -31.70
N SER C 191 13.67 -18.04 -31.46
CA SER C 191 14.78 -18.26 -32.42
C SER C 191 15.92 -18.98 -31.70
N PRO C 192 15.77 -20.29 -31.46
CA PRO C 192 16.79 -21.06 -30.73
C PRO C 192 18.14 -21.16 -31.51
N GLU C 193 18.10 -20.92 -32.83
CA GLU C 193 19.28 -20.95 -33.72
C GLU C 193 20.17 -19.74 -33.39
N GLU C 194 19.58 -18.54 -33.33
CA GLU C 194 20.30 -17.29 -32.99
C GLU C 194 20.76 -17.34 -31.51
N ALA C 195 19.99 -17.95 -30.63
CA ALA C 195 20.34 -18.07 -29.20
C ALA C 195 21.64 -18.88 -29.08
N ILE C 196 21.68 -20.06 -29.68
CA ILE C 196 22.83 -21.02 -29.60
C ILE C 196 24.05 -20.38 -30.28
N SER C 197 23.85 -19.76 -31.44
CA SER C 197 24.85 -19.08 -32.28
C SER C 197 25.55 -17.92 -31.52
N LEU C 198 24.80 -17.11 -30.78
CA LEU C 198 25.35 -15.99 -29.98
C LEU C 198 26.11 -16.53 -28.76
N ALA C 199 25.54 -17.51 -28.08
CA ALA C 199 26.09 -18.08 -26.84
C ALA C 199 27.44 -18.72 -27.16
N LYS C 200 27.48 -19.39 -28.31
CA LYS C 200 28.63 -20.19 -28.81
C LYS C 200 29.75 -19.21 -29.21
N THR C 201 29.42 -18.18 -29.96
CA THR C 201 30.39 -17.14 -30.37
C THR C 201 30.91 -16.43 -29.13
N THR C 202 30.03 -16.05 -28.22
CA THR C 202 30.39 -15.26 -27.02
C THR C 202 31.44 -16.04 -26.22
N PHE C 203 31.18 -17.33 -26.05
CA PHE C 203 31.99 -18.30 -25.28
C PHE C 203 33.36 -18.45 -25.95
N ASP C 204 33.38 -18.75 -27.24
CA ASP C 204 34.62 -19.03 -28.02
C ASP C 204 35.50 -17.77 -28.08
N GLU C 205 34.90 -16.59 -28.33
CA GLU C 205 35.64 -15.31 -28.43
C GLU C 205 36.20 -14.96 -27.04
N ALA C 206 35.51 -15.32 -25.96
CA ALA C 206 35.99 -15.05 -24.59
C ALA C 206 37.20 -15.97 -24.33
N MET C 207 37.05 -17.27 -24.61
CA MET C 207 38.09 -18.30 -24.36
C MET C 207 39.39 -17.87 -25.08
N ALA C 208 39.30 -17.38 -26.31
CA ALA C 208 40.46 -16.89 -27.09
C ALA C 208 41.31 -15.86 -26.29
N ASP C 209 40.68 -15.03 -25.42
CA ASP C 209 41.34 -13.90 -24.71
C ASP C 209 41.46 -14.15 -23.21
N LEU C 210 41.10 -15.35 -22.75
CA LEU C 210 41.08 -15.68 -21.30
C LEU C 210 42.48 -15.48 -20.70
N HIS C 211 43.52 -15.82 -21.46
CA HIS C 211 44.93 -15.79 -21.02
C HIS C 211 45.41 -14.37 -20.67
N THR C 212 44.69 -13.32 -21.10
CA THR C 212 45.03 -11.90 -20.78
C THR C 212 44.55 -11.53 -19.37
N LEU C 213 43.81 -12.39 -18.68
CA LEU C 213 43.22 -12.03 -17.36
C LEU C 213 44.00 -12.66 -16.22
N SER C 214 43.86 -12.08 -15.05
CA SER C 214 44.47 -12.66 -13.82
C SER C 214 43.55 -12.40 -12.63
N GLU C 215 43.68 -13.20 -11.56
CA GLU C 215 43.07 -12.97 -10.22
C GLU C 215 41.54 -12.92 -10.36
N ASP C 216 40.88 -11.96 -9.71
CA ASP C 216 39.40 -11.94 -9.66
C ASP C 216 38.81 -11.69 -11.05
N SER C 217 39.51 -10.95 -11.93
CA SER C 217 39.04 -10.67 -13.29
C SER C 217 38.93 -11.98 -14.09
N TYR C 218 39.89 -12.90 -13.96
CA TYR C 218 39.81 -14.24 -14.62
C TYR C 218 38.56 -14.97 -14.08
N LYS C 219 38.40 -15.00 -12.76
CA LYS C 219 37.29 -15.74 -12.09
C LYS C 219 35.93 -15.16 -12.48
N ASP C 220 35.78 -13.82 -12.48
CA ASP C 220 34.50 -13.16 -12.85
C ASP C 220 34.13 -13.50 -14.29
N SER C 221 35.08 -13.56 -15.22
CA SER C 221 34.79 -13.89 -16.64
C SER C 221 34.42 -15.38 -16.77
N THR C 222 35.11 -16.29 -16.10
CA THR C 222 34.82 -17.75 -16.23
C THR C 222 33.50 -18.13 -15.55
N LEU C 223 33.13 -17.46 -14.45
CA LEU C 223 31.77 -17.56 -13.83
C LEU C 223 30.68 -17.47 -14.92
N ILE C 224 30.70 -16.43 -15.73
CA ILE C 224 29.64 -16.19 -16.75
C ILE C 224 29.87 -17.11 -17.95
N MET C 225 31.11 -17.45 -18.29
CA MET C 225 31.33 -18.45 -19.37
C MET C 225 30.69 -19.78 -18.99
N GLN C 226 30.69 -20.16 -17.72
CA GLN C 226 30.08 -21.43 -17.28
C GLN C 226 28.57 -21.38 -17.61
N LEU C 227 27.91 -20.21 -17.46
CA LEU C 227 26.44 -20.13 -17.62
C LEU C 227 26.12 -20.22 -19.09
N LEU C 228 26.92 -19.59 -19.96
CA LEU C 228 26.81 -19.74 -21.44
C LEU C 228 26.90 -21.23 -21.80
N ARG C 229 27.83 -21.96 -21.18
CA ARG C 229 28.11 -23.39 -21.47
C ARG C 229 26.94 -24.25 -20.97
N ASP C 230 26.42 -23.95 -19.76
CA ASP C 230 25.18 -24.52 -19.17
C ASP C 230 24.01 -24.33 -20.13
N ASN C 231 23.74 -23.12 -20.60
CA ASN C 231 22.60 -22.89 -21.53
C ASN C 231 22.84 -23.70 -22.82
N LEU C 232 24.07 -23.70 -23.36
CA LEU C 232 24.41 -24.36 -24.66
C LEU C 232 24.10 -25.88 -24.62
N THR C 233 24.34 -26.53 -23.49
CA THR C 233 24.12 -27.99 -23.26
C THR C 233 22.61 -28.29 -23.17
N LEU C 234 21.91 -27.56 -22.29
CA LEU C 234 20.44 -27.52 -22.15
C LEU C 234 19.73 -27.30 -23.51
N TRP C 235 20.26 -26.46 -24.42
CA TRP C 235 19.55 -25.97 -25.63
C TRP C 235 19.79 -26.82 -26.88
N THR C 236 20.94 -27.53 -26.99
CA THR C 236 21.39 -28.22 -28.24
C THR C 236 20.80 -29.64 -28.28
N ARG D 4 15.90 -24.92 -15.41
CA ARG D 4 15.62 -24.46 -16.80
C ARG D 4 16.76 -23.50 -17.26
N THR D 5 16.49 -22.68 -18.28
CA THR D 5 17.41 -21.63 -18.82
C THR D 5 17.90 -20.71 -17.69
N ILE D 6 19.17 -20.31 -17.73
CA ILE D 6 19.81 -19.43 -16.70
C ILE D 6 20.20 -18.10 -17.34
N SEP D 7 19.93 -16.99 -16.63
CA SEP D 7 20.29 -15.64 -17.04
CB SEP D 7 19.04 -14.77 -17.19
OG SEP D 7 18.43 -14.56 -15.91
C SEP D 7 21.35 -15.06 -16.09
O SEP D 7 21.78 -15.69 -15.14
P SEP D 7 17.05 -13.70 -15.82
O1P SEP D 7 16.70 -13.79 -14.36
O2P SEP D 7 16.07 -14.37 -16.71
O3P SEP D 7 17.37 -12.19 -16.25
N ALA D 8 21.87 -13.87 -16.41
CA ALA D 8 23.00 -13.28 -15.68
C ALA D 8 22.61 -13.15 -14.21
N PRO D 9 23.43 -13.66 -13.27
CA PRO D 9 23.14 -13.58 -11.86
C PRO D 9 23.43 -12.17 -11.35
N VAL D 10 23.11 -11.92 -10.08
CA VAL D 10 23.55 -10.69 -9.35
C VAL D 10 25.02 -10.91 -9.00
N VAL D 11 25.82 -9.84 -9.06
CA VAL D 11 27.28 -9.92 -8.79
C VAL D 11 27.50 -9.43 -7.34
N ARG D 12 28.13 -10.28 -6.50
CA ARG D 12 28.27 -10.10 -5.03
C ARG D 12 29.52 -9.28 -4.64
N PRO D 13 30.70 -9.41 -5.31
CA PRO D 13 32.00 -8.92 -4.78
C PRO D 13 32.01 -7.77 -3.76
N ALA E 2 10.31 6.96 37.49
CA ALA E 2 11.09 8.21 37.90
C ALA E 2 10.46 8.91 39.11
N MET E 3 9.19 8.63 39.44
CA MET E 3 8.46 9.22 40.61
C MET E 3 8.37 8.22 41.76
N GLY E 4 8.86 7.01 41.55
CA GLY E 4 8.79 5.88 42.50
C GLY E 4 9.35 6.24 43.87
N SER E 5 10.33 7.16 43.95
CA SER E 5 11.05 7.47 45.20
C SER E 5 10.43 8.69 45.90
N MET E 6 9.43 9.31 45.29
CA MET E 6 8.87 10.52 45.94
C MET E 6 7.57 10.22 46.71
N GLU E 7 7.40 10.85 47.87
CA GLU E 7 6.17 10.73 48.71
C GLU E 7 4.96 11.11 47.86
N ARG E 8 3.84 10.41 47.99
CA ARG E 8 2.55 10.82 47.37
C ARG E 8 2.23 12.30 47.67
N ALA E 9 2.31 12.73 48.91
CA ALA E 9 1.96 14.12 49.28
C ALA E 9 2.83 15.10 48.49
N SER E 10 4.12 14.82 48.35
CA SER E 10 5.08 15.69 47.60
C SER E 10 4.74 15.71 46.09
N LEU E 11 4.26 14.60 45.52
CA LEU E 11 3.90 14.56 44.08
C LEU E 11 2.66 15.42 43.85
N ILE E 12 1.67 15.33 44.71
CA ILE E 12 0.45 16.19 44.67
C ILE E 12 0.91 17.65 44.78
N GLN E 13 1.80 18.02 45.71
CA GLN E 13 2.25 19.44 45.84
C GLN E 13 2.91 19.92 44.53
N LYS E 14 3.78 19.11 43.96
CA LYS E 14 4.54 19.48 42.75
C LYS E 14 3.61 19.53 41.57
N ALA E 15 2.56 18.70 41.54
CA ALA E 15 1.52 18.77 40.51
C ALA E 15 0.90 20.17 40.58
N LYS E 16 0.64 20.68 41.77
CA LYS E 16 0.01 22.02 41.90
C LYS E 16 0.99 23.14 41.52
N LEU E 17 2.29 23.01 41.83
CA LEU E 17 3.33 23.96 41.38
C LEU E 17 3.44 23.91 39.86
N ALA E 18 3.41 22.73 39.26
CA ALA E 18 3.55 22.62 37.78
C ALA E 18 2.33 23.28 37.14
N GLU E 19 1.14 23.08 37.68
CA GLU E 19 -0.06 23.81 37.22
C GLU E 19 0.18 25.33 37.28
N GLN E 20 0.69 25.84 38.40
CA GLN E 20 0.90 27.32 38.62
C GLN E 20 1.93 27.83 37.60
N ALA E 21 2.94 27.01 37.28
CA ALA E 21 3.99 27.26 36.26
C ALA E 21 3.52 26.95 34.83
N GLU E 22 2.27 26.51 34.62
CA GLU E 22 1.72 26.02 33.32
C GLU E 22 2.69 25.03 32.68
N ARG E 23 3.27 24.14 33.47
CA ARG E 23 4.13 23.05 32.92
C ARG E 23 3.33 21.75 32.97
N TYR E 24 2.48 21.54 31.98
CA TYR E 24 1.37 20.55 32.05
C TYR E 24 1.92 19.13 31.87
N GLU E 25 3.03 18.98 31.12
CA GLU E 25 3.71 17.67 30.95
C GLU E 25 4.27 17.22 32.30
N ASP E 26 4.97 18.10 33.01
CA ASP E 26 5.43 17.88 34.41
C ASP E 26 4.22 17.57 35.31
N MET E 27 3.17 18.37 35.28
CA MET E 27 1.98 18.14 36.12
C MET E 27 1.42 16.74 35.87
N ALA E 28 1.34 16.31 34.61
CA ALA E 28 0.82 14.97 34.23
C ALA E 28 1.73 13.86 34.79
N ALA E 29 3.05 14.04 34.67
CA ALA E 29 4.07 13.09 35.16
C ALA E 29 3.96 12.95 36.69
N PHE E 30 3.76 14.06 37.41
CA PHE E 30 3.59 14.05 38.88
C PHE E 30 2.30 13.30 39.20
N MET E 31 1.21 13.57 38.47
CA MET E 31 -0.09 12.94 38.81
C MET E 31 -0.02 11.42 38.47
N LYS E 32 0.61 11.03 37.38
CA LYS E 32 0.80 9.60 37.08
C LYS E 32 1.60 8.96 38.24
N GLY E 33 2.62 9.65 38.75
CA GLY E 33 3.40 9.20 39.91
C GLY E 33 2.50 8.97 41.11
N ALA E 34 1.60 9.90 41.42
CA ALA E 34 0.65 9.77 42.57
C ALA E 34 -0.29 8.58 42.39
N VAL E 35 -0.89 8.44 41.20
CA VAL E 35 -1.78 7.31 40.84
C VAL E 35 -1.05 5.98 41.09
N GLU E 36 0.21 5.87 40.65
CA GLU E 36 1.01 4.62 40.76
C GLU E 36 1.29 4.25 42.24
N LYS E 37 0.99 5.10 43.22
CA LYS E 37 1.12 4.71 44.66
C LYS E 37 0.02 3.72 45.06
N GLY E 38 -1.04 3.58 44.24
CA GLY E 38 -2.05 2.52 44.40
C GLY E 38 -3.19 2.90 45.34
N GLU E 39 -3.21 4.13 45.86
CA GLU E 39 -4.31 4.64 46.71
C GLU E 39 -5.32 5.37 45.82
N GLU E 40 -6.60 5.40 46.22
CA GLU E 40 -7.66 6.02 45.40
C GLU E 40 -7.48 7.55 45.45
N LEU E 41 -7.93 8.25 44.41
CA LEU E 41 -7.80 9.73 44.29
C LEU E 41 -9.02 10.40 44.93
N SER E 42 -8.83 11.48 45.66
CA SER E 42 -9.91 12.40 46.09
C SER E 42 -10.47 13.14 44.86
N CYS E 43 -11.63 13.76 45.03
CA CYS E 43 -12.30 14.57 43.97
C CYS E 43 -11.32 15.61 43.44
N GLU E 44 -10.59 16.30 44.30
CA GLU E 44 -9.69 17.37 43.84
C GLU E 44 -8.52 16.69 43.08
N GLU E 45 -8.05 15.51 43.49
CA GLU E 45 -6.89 14.85 42.82
C GLU E 45 -7.30 14.31 41.45
N ARG E 46 -8.49 13.72 41.33
CA ARG E 46 -9.10 13.33 40.04
C ARG E 46 -9.05 14.52 39.10
N ASN E 47 -9.46 15.68 39.60
CA ASN E 47 -9.51 16.92 38.80
C ASN E 47 -8.09 17.33 38.38
N LEU E 48 -7.09 17.20 39.26
CA LEU E 48 -5.68 17.51 38.86
C LEU E 48 -5.24 16.58 37.73
N LEU E 49 -5.46 15.27 37.86
CA LEU E 49 -5.07 14.26 36.85
C LEU E 49 -5.70 14.63 35.50
N SER E 50 -7.00 14.90 35.49
CA SER E 50 -7.78 15.27 34.29
C SER E 50 -7.26 16.57 33.65
N VAL E 51 -7.03 17.60 34.45
CA VAL E 51 -6.56 18.92 33.92
C VAL E 51 -5.20 18.74 33.24
N ALA E 52 -4.29 17.96 33.81
CA ALA E 52 -2.89 17.88 33.30
C ALA E 52 -2.90 17.25 31.91
N TYR E 53 -3.45 16.03 31.82
CA TYR E 53 -3.55 15.19 30.60
C TYR E 53 -4.42 15.89 29.57
N LYS E 54 -5.49 16.59 29.99
CA LYS E 54 -6.34 17.35 29.07
C LYS E 54 -5.53 18.48 28.41
N ASN E 55 -4.68 19.21 29.15
CA ASN E 55 -3.81 20.28 28.57
C ASN E 55 -2.81 19.68 27.57
N VAL E 56 -2.18 18.58 27.94
CA VAL E 56 -1.13 17.96 27.08
C VAL E 56 -1.80 17.43 25.80
N VAL E 57 -2.89 16.67 25.93
CA VAL E 57 -3.52 16.08 24.73
C VAL E 57 -4.16 17.20 23.91
N GLY E 58 -4.63 18.28 24.56
CA GLY E 58 -5.21 19.46 23.90
C GLY E 58 -4.24 20.12 22.92
N GLY E 59 -3.04 20.46 23.37
CA GLY E 59 -1.98 21.04 22.51
C GLY E 59 -1.77 20.16 21.27
N GLN E 60 -1.68 18.86 21.47
CA GLN E 60 -1.36 17.91 20.37
C GLN E 60 -2.54 17.79 19.40
N ARG E 61 -3.75 17.71 19.96
CA ARG E 61 -4.99 17.64 19.15
C ARG E 61 -5.03 18.86 18.22
N ALA E 62 -4.76 20.05 18.74
CA ALA E 62 -4.91 21.33 17.99
C ALA E 62 -3.75 21.42 16.98
N ALA E 63 -2.55 21.00 17.36
CA ALA E 63 -1.41 20.90 16.42
C ALA E 63 -1.75 19.91 15.29
N TRP E 64 -2.30 18.74 15.61
CA TRP E 64 -2.72 17.70 14.64
C TRP E 64 -3.76 18.27 13.64
N ARG E 65 -4.73 19.07 14.09
CA ARG E 65 -5.81 19.67 13.23
C ARG E 65 -5.21 20.71 12.29
N VAL E 66 -4.31 21.58 12.78
CA VAL E 66 -3.49 22.54 11.96
C VAL E 66 -2.75 21.73 10.88
N LEU E 67 -1.96 20.71 11.23
CA LEU E 67 -1.18 19.99 10.20
C LEU E 67 -2.13 19.23 9.25
N SER E 68 -3.20 18.65 9.76
CA SER E 68 -4.16 17.83 8.98
C SER E 68 -4.83 18.67 7.87
N SER E 69 -5.10 19.94 8.13
CA SER E 69 -5.77 20.86 7.18
C SER E 69 -4.75 21.52 6.24
N ILE E 70 -3.51 21.73 6.68
CA ILE E 70 -2.42 22.07 5.72
C ILE E 70 -2.29 20.91 4.72
N GLU E 71 -2.37 19.67 5.20
CA GLU E 71 -2.27 18.41 4.40
C GLU E 71 -3.42 18.29 3.39
N GLN E 72 -4.59 18.90 3.64
CA GLN E 72 -5.86 18.71 2.87
C GLN E 72 -6.35 17.27 3.08
N GLY E 83 5.91 17.64 -1.81
CA GLY E 83 6.78 16.76 -1.01
C GLY E 83 6.06 16.09 0.19
N PRO E 84 6.67 15.07 0.82
CA PRO E 84 6.04 14.37 1.93
C PRO E 84 6.14 14.98 3.34
N GLU E 85 6.74 16.17 3.48
CA GLU E 85 7.13 16.78 4.79
C GLU E 85 5.88 16.97 5.68
N VAL E 86 4.79 17.51 5.11
CA VAL E 86 3.54 17.80 5.88
C VAL E 86 2.99 16.47 6.44
N ARG E 87 2.90 15.43 5.63
CA ARG E 87 2.39 14.10 6.06
C ARG E 87 3.33 13.55 7.15
N GLU E 88 4.63 13.63 6.96
CA GLU E 88 5.65 13.06 7.87
C GLU E 88 5.51 13.73 9.24
N TYR E 89 5.34 15.05 9.30
CA TYR E 89 5.21 15.80 10.58
C TYR E 89 3.83 15.57 11.19
N ARG E 90 2.77 15.55 10.37
CA ARG E 90 1.41 15.14 10.84
C ARG E 90 1.51 13.78 11.55
N GLU E 91 2.16 12.79 10.96
CA GLU E 91 2.27 11.43 11.55
C GLU E 91 3.09 11.43 12.85
N LYS E 92 4.12 12.29 12.96
CA LYS E 92 4.94 12.34 14.20
C LYS E 92 4.07 12.92 15.32
N VAL E 93 3.37 14.01 15.06
CA VAL E 93 2.47 14.60 16.12
C VAL E 93 1.41 13.54 16.47
N GLU E 94 0.87 12.89 15.44
CA GLU E 94 -0.17 11.84 15.63
C GLU E 94 0.35 10.83 16.65
N THR E 95 1.57 10.35 16.44
CA THR E 95 2.23 9.27 17.22
C THR E 95 2.44 9.74 18.68
N GLU E 96 2.83 10.97 18.89
CA GLU E 96 2.96 11.51 20.28
C GLU E 96 1.57 11.50 20.97
N LEU E 97 0.53 11.95 20.26
CA LEU E 97 -0.85 12.06 20.80
C LEU E 97 -1.29 10.65 21.18
N GLN E 98 -1.08 9.67 20.29
CA GLN E 98 -1.43 8.25 20.54
C GLN E 98 -0.68 7.74 21.78
N GLY E 99 0.58 8.12 21.98
CA GLY E 99 1.35 7.68 23.17
C GLY E 99 0.71 8.19 24.46
N VAL E 100 0.26 9.43 24.44
CA VAL E 100 -0.29 10.18 25.60
C VAL E 100 -1.63 9.53 25.95
N CYS E 101 -2.48 9.29 24.98
CA CYS E 101 -3.78 8.58 25.16
C CYS E 101 -3.61 7.16 25.65
N ASP E 102 -2.59 6.43 25.19
CA ASP E 102 -2.28 5.06 25.68
C ASP E 102 -1.79 5.12 27.14
N THR E 103 -1.04 6.15 27.53
CA THR E 103 -0.61 6.32 28.93
C THR E 103 -1.86 6.49 29.79
N VAL E 104 -2.84 7.28 29.32
CA VAL E 104 -4.04 7.59 30.17
C VAL E 104 -4.87 6.31 30.25
N LEU E 105 -5.06 5.64 29.14
CA LEU E 105 -5.93 4.44 29.05
C LEU E 105 -5.32 3.32 29.86
N GLY E 106 -3.98 3.29 29.94
CA GLY E 106 -3.21 2.36 30.78
C GLY E 106 -3.33 2.65 32.26
N LEU E 107 -3.27 3.91 32.69
CA LEU E 107 -3.47 4.29 34.12
C LEU E 107 -4.91 4.00 34.51
N LEU E 108 -5.85 4.31 33.62
CA LEU E 108 -7.28 4.02 33.89
C LEU E 108 -7.50 2.53 34.12
N ASP E 109 -7.03 1.69 33.20
CA ASP E 109 -7.25 0.22 33.29
C ASP E 109 -6.41 -0.35 34.44
N SER E 110 -5.16 0.10 34.63
CA SER E 110 -4.24 -0.57 35.58
C SER E 110 -4.56 -0.13 37.01
N HIS E 111 -5.05 1.08 37.23
CA HIS E 111 -5.07 1.66 38.59
C HIS E 111 -6.42 2.28 38.97
N LEU E 112 -7.21 2.87 38.08
CA LEU E 112 -8.30 3.79 38.57
C LEU E 112 -9.71 3.16 38.42
N ILE E 113 -9.95 2.42 37.35
CA ILE E 113 -11.30 1.85 37.09
C ILE E 113 -11.43 0.58 37.94
N LYS E 114 -12.37 0.58 38.89
CA LYS E 114 -12.65 -0.53 39.84
C LYS E 114 -14.17 -0.71 39.99
N GLU E 115 -14.63 -1.93 40.29
CA GLU E 115 -16.08 -2.23 40.55
C GLU E 115 -16.59 -1.55 41.83
N ALA E 116 -15.70 -1.27 42.80
CA ALA E 116 -16.00 -0.56 44.07
C ALA E 116 -15.81 0.95 43.91
N GLY E 117 -16.11 1.70 44.97
CA GLY E 117 -16.06 3.17 45.04
C GLY E 117 -17.45 3.77 44.87
N ASP E 118 -17.58 5.07 45.10
CA ASP E 118 -18.88 5.77 44.90
C ASP E 118 -19.14 5.85 43.39
N ALA E 119 -20.38 6.10 43.03
CA ALA E 119 -20.88 6.28 41.65
C ALA E 119 -20.04 7.36 40.97
N GLU E 120 -19.81 8.48 41.66
CA GLU E 120 -19.12 9.67 41.11
C GLU E 120 -17.75 9.24 40.61
N SER E 121 -16.94 8.60 41.45
CA SER E 121 -15.58 8.18 41.06
C SER E 121 -15.67 7.16 39.93
N ARG E 122 -16.61 6.22 39.98
CA ARG E 122 -16.69 5.15 38.95
C ARG E 122 -17.08 5.75 37.60
N VAL E 123 -18.02 6.69 37.59
CA VAL E 123 -18.49 7.35 36.33
C VAL E 123 -17.36 8.25 35.83
N PHE E 124 -16.63 8.88 36.74
CA PHE E 124 -15.61 9.86 36.31
C PHE E 124 -14.58 9.13 35.43
N TYR E 125 -14.12 7.96 35.85
CA TYR E 125 -13.03 7.21 35.13
C TYR E 125 -13.55 6.54 33.85
N LEU E 126 -14.80 6.11 33.79
CA LEU E 126 -15.31 5.49 32.56
C LEU E 126 -15.55 6.56 31.51
N LYS E 127 -16.04 7.71 31.93
CA LYS E 127 -16.17 8.89 31.06
C LYS E 127 -14.81 9.20 30.47
N MET E 128 -13.79 9.25 31.33
CA MET E 128 -12.40 9.60 30.96
C MET E 128 -11.83 8.54 29.99
N LYS E 129 -12.11 7.26 30.18
CA LYS E 129 -11.81 6.18 29.21
C LYS E 129 -12.47 6.45 27.87
N GLY E 130 -13.77 6.74 27.88
CA GLY E 130 -14.52 7.14 26.69
C GLY E 130 -13.86 8.26 25.92
N ASP E 131 -13.46 9.31 26.63
CA ASP E 131 -12.90 10.55 26.04
C ASP E 131 -11.55 10.24 25.36
N TYR E 132 -10.62 9.58 26.06
CA TYR E 132 -9.28 9.30 25.49
C TYR E 132 -9.37 8.27 24.33
N TYR E 133 -10.30 7.31 24.33
CA TYR E 133 -10.60 6.51 23.13
C TYR E 133 -11.15 7.45 22.06
N ARG E 134 -12.01 8.41 22.44
CA ARG E 134 -12.60 9.35 21.43
C ARG E 134 -11.46 10.14 20.80
N TYR E 135 -10.46 10.56 21.58
CA TYR E 135 -9.32 11.31 21.00
C TYR E 135 -8.54 10.41 20.04
N LEU E 136 -8.35 9.13 20.35
CA LEU E 136 -7.70 8.22 19.39
C LEU E 136 -8.53 8.11 18.11
N ALA E 137 -9.86 8.08 18.24
CA ALA E 137 -10.75 7.87 17.08
C ALA E 137 -10.51 8.99 16.09
N GLU E 138 -10.26 10.19 16.60
CA GLU E 138 -10.19 11.43 15.80
C GLU E 138 -9.08 11.27 14.77
N VAL E 139 -8.04 10.50 15.11
CA VAL E 139 -6.82 10.31 14.27
C VAL E 139 -6.78 8.92 13.62
N ALA E 140 -7.52 7.90 14.08
CA ALA E 140 -7.44 6.53 13.52
C ALA E 140 -8.04 6.42 12.10
N THR E 141 -7.69 5.34 11.40
CA THR E 141 -8.36 4.88 10.15
C THR E 141 -8.60 3.37 10.17
N GLY E 142 -9.46 2.88 9.26
CA GLY E 142 -9.62 1.45 8.94
C GLY E 142 -10.17 0.62 10.10
N ASP E 143 -9.72 -0.63 10.16
CA ASP E 143 -10.13 -1.64 11.18
C ASP E 143 -9.85 -1.09 12.58
N ASP E 144 -8.71 -0.42 12.74
CA ASP E 144 -8.31 0.21 14.02
C ASP E 144 -9.40 1.21 14.46
N LYS E 145 -9.84 2.10 13.58
CA LYS E 145 -10.87 3.10 13.95
C LYS E 145 -12.13 2.40 14.44
N LYS E 146 -12.59 1.33 13.76
CA LYS E 146 -13.82 0.58 14.16
C LYS E 146 -13.65 0.06 15.59
N ARG E 147 -12.53 -0.57 15.89
CA ARG E 147 -12.29 -1.11 17.25
C ARG E 147 -12.35 0.07 18.23
N ILE E 148 -11.68 1.18 17.93
CA ILE E 148 -11.48 2.29 18.89
C ILE E 148 -12.85 2.92 19.19
N ILE E 149 -13.67 3.05 18.15
CA ILE E 149 -15.03 3.62 18.28
C ILE E 149 -15.83 2.73 19.25
N ASP E 150 -15.70 1.41 19.12
CA ASP E 150 -16.50 0.40 19.86
C ASP E 150 -16.07 0.47 21.34
N SER E 151 -14.77 0.58 21.59
CA SER E 151 -14.19 0.83 22.95
C SER E 151 -14.76 2.13 23.54
N ALA E 152 -14.77 3.24 22.80
CA ALA E 152 -15.31 4.53 23.27
C ALA E 152 -16.78 4.34 23.67
N ARG E 153 -17.60 3.81 22.76
CA ARG E 153 -19.06 3.57 22.96
C ARG E 153 -19.30 2.71 24.21
N SER E 154 -18.56 1.61 24.34
CA SER E 154 -18.79 0.63 25.43
C SER E 154 -18.45 1.27 26.80
N ALA E 155 -17.40 2.09 26.86
CA ALA E 155 -17.02 2.88 28.07
C ALA E 155 -18.12 3.91 28.39
N TYR E 156 -18.49 4.75 27.43
CA TYR E 156 -19.54 5.75 27.64
C TYR E 156 -20.83 5.07 28.10
N GLN E 157 -21.29 4.05 27.40
CA GLN E 157 -22.58 3.35 27.75
C GLN E 157 -22.52 2.82 29.19
N GLU E 158 -21.37 2.29 29.61
CA GLU E 158 -21.27 1.68 30.96
C GLU E 158 -21.31 2.80 32.03
N ALA E 159 -20.69 3.95 31.76
CA ALA E 159 -20.76 5.14 32.63
C ALA E 159 -22.25 5.60 32.69
N MET E 160 -22.90 5.68 31.53
CA MET E 160 -24.33 6.09 31.36
C MET E 160 -25.26 5.19 32.20
N ASP E 161 -25.06 3.87 32.14
CA ASP E 161 -25.85 2.93 32.99
C ASP E 161 -25.64 3.26 34.47
N ILE E 162 -24.41 3.41 34.94
CA ILE E 162 -24.20 3.68 36.39
C ILE E 162 -24.84 5.02 36.77
N SER E 163 -24.74 6.02 35.89
CA SER E 163 -25.18 7.39 36.21
C SER E 163 -26.73 7.48 36.16
N LYS E 164 -27.40 6.79 35.24
CA LYS E 164 -28.90 6.81 35.16
C LYS E 164 -29.49 6.01 36.33
N LYS E 165 -28.70 5.12 36.94
CA LYS E 165 -29.12 4.31 38.12
C LYS E 165 -28.71 4.97 39.44
N GLU E 166 -27.64 5.78 39.49
CA GLU E 166 -27.10 6.16 40.82
C GLU E 166 -26.99 7.68 41.00
N MET E 167 -27.32 8.50 40.00
CA MET E 167 -27.09 9.96 40.12
C MET E 167 -28.33 10.74 39.73
N PRO E 168 -28.60 11.88 40.41
CA PRO E 168 -29.70 12.74 39.98
C PRO E 168 -29.43 13.16 38.54
N PRO E 169 -30.46 13.58 37.77
CA PRO E 169 -30.26 14.01 36.38
C PRO E 169 -29.57 15.39 36.24
N THR E 170 -29.30 16.07 37.36
CA THR E 170 -28.62 17.36 37.45
C THR E 170 -27.19 17.20 37.95
N ASN E 171 -26.76 16.00 38.36
CA ASN E 171 -25.35 15.78 38.80
C ASN E 171 -24.41 16.25 37.68
N PRO E 172 -23.42 17.12 37.95
CA PRO E 172 -22.51 17.60 36.91
C PRO E 172 -21.65 16.52 36.21
N ILE E 173 -21.30 15.41 36.90
CA ILE E 173 -20.51 14.31 36.26
C ILE E 173 -21.45 13.63 35.26
N ARG E 174 -22.65 13.31 35.69
CA ARG E 174 -23.66 12.72 34.78
C ARG E 174 -23.89 13.63 33.58
N LEU E 175 -23.90 14.96 33.73
CA LEU E 175 -24.22 15.91 32.62
C LEU E 175 -23.05 15.97 31.65
N GLY E 176 -21.86 16.04 32.22
CA GLY E 176 -20.58 16.11 31.48
C GLY E 176 -20.38 14.84 30.70
N LEU E 177 -20.77 13.69 31.25
CA LEU E 177 -20.74 12.41 30.49
C LEU E 177 -21.70 12.47 29.30
N ALA E 178 -22.95 12.93 29.50
CA ALA E 178 -23.99 12.95 28.46
C ALA E 178 -23.55 13.92 27.38
N LEU E 179 -22.89 15.00 27.78
CA LEU E 179 -22.37 15.96 26.78
C LEU E 179 -21.35 15.22 25.89
N ASN E 180 -20.35 14.57 26.48
CA ASN E 180 -19.22 14.00 25.70
C ASN E 180 -19.74 12.81 24.89
N PHE E 181 -20.70 12.04 25.41
CA PHE E 181 -21.25 10.88 24.69
C PHE E 181 -22.00 11.46 23.49
N SER E 182 -22.71 12.60 23.69
CA SER E 182 -23.40 13.35 22.63
C SER E 182 -22.38 13.74 21.55
N VAL E 183 -21.26 14.37 21.95
CA VAL E 183 -20.20 14.81 21.01
C VAL E 183 -19.62 13.60 20.27
N PHE E 184 -19.45 12.49 20.94
CA PHE E 184 -19.01 11.21 20.31
C PHE E 184 -20.00 10.80 19.20
N HIS E 185 -21.29 10.85 19.50
CA HIS E 185 -22.36 10.50 18.54
C HIS E 185 -22.25 11.37 17.32
N TYR E 186 -22.06 12.67 17.52
CA TYR E 186 -22.08 13.66 16.41
C TYR E 186 -20.77 13.56 15.58
N GLU E 187 -19.60 13.71 16.19
CA GLU E 187 -18.30 13.91 15.47
C GLU E 187 -17.60 12.57 15.15
N ILE E 188 -17.82 11.49 15.91
CA ILE E 188 -17.05 10.22 15.75
C ILE E 188 -17.94 9.16 15.07
N ALA E 189 -19.10 8.89 15.64
CA ALA E 189 -19.95 7.75 15.22
C ALA E 189 -20.83 8.14 14.01
N ASN E 190 -20.65 9.33 13.42
CA ASN E 190 -21.55 9.96 12.42
C ASN E 190 -23.00 9.54 12.70
N SER E 191 -23.45 9.77 13.93
CA SER E 191 -24.80 9.40 14.46
C SER E 191 -25.47 10.67 14.94
N PRO E 192 -25.72 11.64 14.05
CA PRO E 192 -26.22 12.95 14.46
C PRO E 192 -27.67 12.87 14.99
N GLU E 193 -28.45 11.83 14.63
CA GLU E 193 -29.80 11.52 15.20
C GLU E 193 -29.63 11.15 16.68
N GLU E 194 -28.67 10.28 17.06
CA GLU E 194 -28.47 9.84 18.47
C GLU E 194 -27.88 10.98 19.33
N ALA E 195 -27.09 11.86 18.75
CA ALA E 195 -26.48 12.98 19.50
C ALA E 195 -27.56 13.96 19.99
N ILE E 196 -28.46 14.38 19.09
CA ILE E 196 -29.55 15.34 19.40
C ILE E 196 -30.43 14.70 20.48
N SER E 197 -30.87 13.47 20.27
CA SER E 197 -31.82 12.79 21.17
C SER E 197 -31.23 12.70 22.58
N LEU E 198 -29.95 12.29 22.70
CA LEU E 198 -29.28 12.20 24.03
C LEU E 198 -29.18 13.59 24.67
N ALA E 199 -28.80 14.60 23.88
CA ALA E 199 -28.52 15.96 24.40
C ALA E 199 -29.84 16.61 24.85
N LYS E 200 -30.93 16.43 24.08
CA LYS E 200 -32.31 16.94 24.37
C LYS E 200 -32.87 16.22 25.60
N THR E 201 -32.81 14.90 25.63
CA THR E 201 -33.23 14.09 26.78
C THR E 201 -32.48 14.54 28.03
N THR E 202 -31.15 14.55 27.99
CA THR E 202 -30.32 15.02 29.14
C THR E 202 -30.80 16.42 29.58
N PHE E 203 -30.92 17.37 28.66
CA PHE E 203 -31.28 18.78 28.96
C PHE E 203 -32.66 18.82 29.65
N ASP E 204 -33.68 18.17 29.06
CA ASP E 204 -35.08 18.18 29.56
C ASP E 204 -35.15 17.50 30.93
N GLU E 205 -34.52 16.35 31.11
CA GLU E 205 -34.66 15.66 32.43
C GLU E 205 -33.97 16.47 33.52
N ALA E 206 -32.95 17.26 33.20
CA ALA E 206 -32.26 18.17 34.17
C ALA E 206 -33.15 19.38 34.45
N MET E 207 -33.82 19.88 33.44
CA MET E 207 -34.64 21.11 33.53
C MET E 207 -35.83 20.90 34.49
N ALA E 208 -36.27 19.66 34.69
CA ALA E 208 -37.38 19.35 35.62
C ALA E 208 -36.98 19.68 37.06
N ASP E 209 -35.70 19.57 37.44
CA ASP E 209 -35.29 19.63 38.87
C ASP E 209 -34.30 20.75 39.12
N LEU E 210 -33.77 21.37 38.09
CA LEU E 210 -32.52 22.17 38.23
C LEU E 210 -32.77 23.30 39.24
N HIS E 211 -33.93 23.94 39.17
CA HIS E 211 -34.33 25.11 39.99
C HIS E 211 -34.54 24.74 41.46
N THR E 212 -34.65 23.44 41.77
CA THR E 212 -34.91 22.94 43.14
C THR E 212 -33.59 22.80 43.91
N LEU E 213 -32.44 22.86 43.23
CA LEU E 213 -31.11 22.75 43.87
C LEU E 213 -30.78 24.03 44.63
N SER E 214 -29.94 23.87 45.65
CA SER E 214 -29.23 24.98 46.33
C SER E 214 -28.50 25.83 45.30
N GLU E 215 -28.17 27.08 45.62
CA GLU E 215 -27.38 27.97 44.73
C GLU E 215 -26.03 27.32 44.32
N ASP E 216 -25.27 26.87 45.31
CA ASP E 216 -23.91 26.32 45.14
C ASP E 216 -23.98 25.10 44.18
N SER E 217 -24.90 24.15 44.40
CA SER E 217 -25.10 22.94 43.55
C SER E 217 -25.54 23.32 42.12
N TYR E 218 -26.41 24.32 41.99
CA TYR E 218 -26.91 24.75 40.67
C TYR E 218 -25.73 25.24 39.83
N LYS E 219 -24.90 26.09 40.42
CA LYS E 219 -23.73 26.72 39.75
C LYS E 219 -22.68 25.68 39.36
N ASP E 220 -22.66 24.48 39.98
CA ASP E 220 -21.75 23.36 39.58
C ASP E 220 -22.23 22.75 38.26
N SER E 221 -23.50 22.95 37.85
CA SER E 221 -24.14 22.32 36.65
C SER E 221 -24.43 23.31 35.53
N THR E 222 -24.39 24.61 35.81
CA THR E 222 -24.92 25.65 34.88
C THR E 222 -24.10 25.69 33.59
N LEU E 223 -22.79 25.59 33.67
CA LEU E 223 -21.93 25.65 32.47
C LEU E 223 -22.21 24.45 31.58
N ILE E 224 -22.28 23.22 32.10
CA ILE E 224 -22.48 22.05 31.20
C ILE E 224 -23.85 22.19 30.57
N MET E 225 -24.84 22.69 31.33
CA MET E 225 -26.23 22.89 30.82
C MET E 225 -26.20 23.82 29.62
N GLN E 226 -25.47 24.92 29.72
CA GLN E 226 -25.37 25.92 28.63
C GLN E 226 -24.65 25.31 27.43
N LEU E 227 -23.71 24.37 27.65
CA LEU E 227 -23.00 23.71 26.53
C LEU E 227 -23.96 22.74 25.83
N LEU E 228 -24.78 22.04 26.59
CA LEU E 228 -25.81 21.18 25.98
C LEU E 228 -26.73 22.07 25.13
N ARG E 229 -27.22 23.18 25.71
CA ARG E 229 -28.11 24.18 25.03
C ARG E 229 -27.40 24.65 23.74
N ASP E 230 -26.19 25.21 23.82
CA ASP E 230 -25.35 25.67 22.66
C ASP E 230 -25.18 24.57 21.60
N ASN E 231 -25.00 23.28 21.98
CA ASN E 231 -24.85 22.17 21.01
C ASN E 231 -26.22 21.84 20.38
N LEU E 232 -27.31 21.87 21.15
CA LEU E 232 -28.67 21.61 20.63
C LEU E 232 -29.00 22.62 19.51
N THR E 233 -28.91 23.92 19.79
CA THR E 233 -28.97 25.05 18.80
C THR E 233 -28.19 24.72 17.53
N LEU E 234 -26.91 24.34 17.64
CA LEU E 234 -25.93 24.25 16.52
C LEU E 234 -26.16 23.00 15.63
N TRP E 235 -26.83 21.97 16.15
CA TRP E 235 -26.80 20.61 15.55
C TRP E 235 -28.00 20.37 14.61
N THR E 236 -29.19 20.85 14.99
CA THR E 236 -30.49 20.55 14.32
C THR E 236 -30.54 21.16 12.89
N THR F 5 -18.73 23.00 17.72
CA THR F 5 -19.11 21.81 18.61
C THR F 5 -18.18 21.73 19.82
N ILE F 6 -18.73 21.61 21.03
CA ILE F 6 -17.99 21.83 22.31
C ILE F 6 -18.25 20.68 23.29
N SEP F 7 -17.13 20.19 23.88
CA SEP F 7 -17.13 19.05 24.79
CB SEP F 7 -16.08 18.01 24.35
OG SEP F 7 -14.77 18.42 24.78
C SEP F 7 -16.99 19.60 26.21
O SEP F 7 -16.84 20.81 26.35
P SEP F 7 -13.42 17.52 24.37
O1P SEP F 7 -13.31 16.39 25.37
O2P SEP F 7 -12.27 18.42 24.45
O3P SEP F 7 -13.69 17.16 22.98
N ALA F 8 -17.20 18.75 27.24
CA ALA F 8 -17.17 19.12 28.64
C ALA F 8 -15.86 19.80 28.99
N PRO F 9 -15.92 21.01 29.60
CA PRO F 9 -14.72 21.79 29.88
C PRO F 9 -13.98 21.14 31.07
N VAL F 10 -12.67 21.36 31.12
CA VAL F 10 -11.82 21.21 32.34
C VAL F 10 -12.53 21.95 33.49
N VAL F 11 -12.71 21.32 34.65
CA VAL F 11 -13.36 21.95 35.85
C VAL F 11 -12.22 22.31 36.83
N GLY G 1 -4.96 -9.82 -36.38
CA GLY G 1 -4.91 -10.29 -37.79
C GLY G 1 -6.29 -10.36 -38.42
N ALA G 2 -7.38 -10.42 -37.64
CA ALA G 2 -8.76 -10.77 -38.08
C ALA G 2 -9.20 -10.02 -39.35
N MET G 3 -8.57 -8.91 -39.72
CA MET G 3 -8.90 -8.14 -40.96
C MET G 3 -7.87 -8.43 -42.08
N GLY G 4 -6.84 -9.21 -41.77
CA GLY G 4 -5.71 -9.49 -42.69
C GLY G 4 -6.17 -10.11 -44.01
N SER G 5 -7.25 -10.87 -44.03
CA SER G 5 -7.63 -11.59 -45.27
C SER G 5 -8.58 -10.73 -46.10
N MET G 6 -8.96 -9.56 -45.62
CA MET G 6 -9.97 -8.72 -46.36
C MET G 6 -9.26 -7.61 -47.16
N GLU G 7 -9.80 -7.31 -48.36
CA GLU G 7 -9.33 -6.22 -49.27
C GLU G 7 -9.44 -4.86 -48.61
N ARG G 8 -8.46 -3.99 -48.82
CA ARG G 8 -8.43 -2.66 -48.16
C ARG G 8 -9.75 -1.93 -48.44
N ALA G 9 -10.25 -1.98 -49.69
CA ALA G 9 -11.43 -1.18 -50.14
C ALA G 9 -12.71 -1.73 -49.49
N SER G 10 -12.81 -3.06 -49.37
CA SER G 10 -13.90 -3.73 -48.62
C SER G 10 -13.83 -3.27 -47.16
N LEU G 11 -12.63 -3.09 -46.58
CA LEU G 11 -12.54 -2.66 -45.15
C LEU G 11 -13.12 -1.24 -45.02
N ILE G 12 -12.77 -0.36 -45.97
CA ILE G 12 -13.29 1.05 -45.98
C ILE G 12 -14.82 1.03 -46.14
N GLN G 13 -15.35 0.30 -47.14
CA GLN G 13 -16.81 0.17 -47.32
C GLN G 13 -17.47 -0.30 -46.00
N LYS G 14 -16.93 -1.34 -45.37
CA LYS G 14 -17.56 -1.87 -44.14
C LYS G 14 -17.45 -0.85 -42.99
N ALA G 15 -16.36 -0.10 -42.85
CA ALA G 15 -16.27 0.99 -41.85
C ALA G 15 -17.44 1.93 -42.03
N LYS G 16 -17.76 2.30 -43.26
CA LYS G 16 -18.84 3.27 -43.55
C LYS G 16 -20.18 2.64 -43.23
N LEU G 17 -20.35 1.34 -43.48
CA LEU G 17 -21.60 0.63 -43.13
C LEU G 17 -21.74 0.64 -41.60
N ALA G 18 -20.67 0.39 -40.87
CA ALA G 18 -20.70 0.34 -39.38
C ALA G 18 -21.04 1.74 -38.84
N GLU G 19 -20.52 2.79 -39.47
CA GLU G 19 -20.93 4.17 -39.12
C GLU G 19 -22.46 4.32 -39.30
N GLN G 20 -23.04 3.95 -40.44
CA GLN G 20 -24.51 4.14 -40.69
C GLN G 20 -25.29 3.33 -39.65
N ALA G 21 -24.77 2.16 -39.25
CA ALA G 21 -25.38 1.28 -38.25
C ALA G 21 -24.95 1.70 -36.82
N GLU G 22 -24.23 2.81 -36.67
CA GLU G 22 -23.75 3.27 -35.35
C GLU G 22 -23.02 2.13 -34.61
N ARG G 23 -22.28 1.30 -35.33
CA ARG G 23 -21.42 0.25 -34.70
C ARG G 23 -19.97 0.70 -34.66
N TYR G 24 -19.62 1.52 -33.67
CA TYR G 24 -18.33 2.25 -33.62
C TYR G 24 -17.18 1.29 -33.32
N GLU G 25 -17.37 0.26 -32.52
CA GLU G 25 -16.30 -0.76 -32.28
C GLU G 25 -15.97 -1.49 -33.60
N ASP G 26 -17.00 -1.94 -34.31
CA ASP G 26 -16.85 -2.57 -35.65
C ASP G 26 -16.17 -1.57 -36.57
N MET G 27 -16.60 -0.31 -36.56
CA MET G 27 -16.01 0.71 -37.47
C MET G 27 -14.52 0.84 -37.21
N ALA G 28 -14.16 0.94 -35.93
CA ALA G 28 -12.79 1.09 -35.46
C ALA G 28 -11.97 -0.14 -35.84
N ALA G 29 -12.50 -1.36 -35.74
CA ALA G 29 -11.73 -2.58 -36.11
C ALA G 29 -11.48 -2.61 -37.63
N PHE G 30 -12.47 -2.25 -38.46
CA PHE G 30 -12.32 -2.14 -39.95
C PHE G 30 -11.22 -1.12 -40.30
N MET G 31 -11.26 0.08 -39.71
CA MET G 31 -10.27 1.16 -40.05
C MET G 31 -8.87 0.74 -39.60
N LYS G 32 -8.77 0.08 -38.43
CA LYS G 32 -7.50 -0.51 -37.98
C LYS G 32 -6.95 -1.47 -39.05
N GLY G 33 -7.79 -2.40 -39.50
CA GLY G 33 -7.39 -3.35 -40.55
C GLY G 33 -6.94 -2.60 -41.80
N ALA G 34 -7.58 -1.48 -42.11
CA ALA G 34 -7.22 -0.67 -43.31
C ALA G 34 -5.87 0.02 -43.10
N VAL G 35 -5.65 0.68 -41.97
CA VAL G 35 -4.31 1.26 -41.69
C VAL G 35 -3.23 0.16 -41.82
N GLU G 36 -3.49 -1.06 -41.37
CA GLU G 36 -2.49 -2.16 -41.32
C GLU G 36 -2.10 -2.65 -42.72
N LYS G 37 -2.80 -2.32 -43.79
CA LYS G 37 -2.31 -2.62 -45.15
C LYS G 37 -1.09 -1.76 -45.52
N GLY G 38 -0.81 -0.68 -44.77
CA GLY G 38 0.42 0.13 -44.87
C GLY G 38 0.35 1.14 -46.01
N GLU G 39 -0.83 1.49 -46.50
CA GLU G 39 -1.00 2.58 -47.48
C GLU G 39 -1.44 3.84 -46.70
N GLU G 40 -0.97 5.03 -47.10
CA GLU G 40 -1.49 6.34 -46.61
C GLU G 40 -3.03 6.33 -46.62
N LEU G 41 -3.64 6.94 -45.60
CA LEU G 41 -5.08 7.23 -45.58
C LEU G 41 -5.34 8.53 -46.36
N SER G 42 -6.41 8.56 -47.14
CA SER G 42 -7.02 9.78 -47.71
C SER G 42 -7.51 10.69 -46.56
N CYS G 43 -7.90 11.93 -46.87
CA CYS G 43 -8.55 12.87 -45.91
C CYS G 43 -9.86 12.25 -45.39
N GLU G 44 -10.69 11.74 -46.29
CA GLU G 44 -11.91 11.00 -45.90
C GLU G 44 -11.54 9.83 -44.93
N GLU G 45 -10.45 9.11 -45.17
CA GLU G 45 -10.17 7.84 -44.46
C GLU G 45 -9.65 8.18 -43.06
N ARG G 46 -8.79 9.18 -42.92
CA ARG G 46 -8.33 9.73 -41.62
C ARG G 46 -9.55 10.10 -40.80
N ASN G 47 -10.59 10.68 -41.42
CA ASN G 47 -11.78 11.14 -40.65
C ASN G 47 -12.60 9.92 -40.18
N LEU G 48 -12.69 8.83 -40.96
CA LEU G 48 -13.36 7.58 -40.49
C LEU G 48 -12.60 7.00 -39.28
N LEU G 49 -11.27 7.01 -39.26
CA LEU G 49 -10.44 6.41 -38.18
C LEU G 49 -10.70 7.19 -36.89
N SER G 50 -10.51 8.50 -36.97
CA SER G 50 -10.80 9.49 -35.90
C SER G 50 -12.20 9.30 -35.37
N VAL G 51 -13.21 9.29 -36.21
CA VAL G 51 -14.63 9.23 -35.77
C VAL G 51 -14.86 7.92 -34.99
N ALA G 52 -14.35 6.81 -35.53
CA ALA G 52 -14.62 5.45 -34.98
C ALA G 52 -14.04 5.39 -33.56
N TYR G 53 -12.77 5.73 -33.41
CA TYR G 53 -12.02 5.70 -32.13
C TYR G 53 -12.48 6.80 -31.16
N LYS G 54 -12.88 7.96 -31.67
CA LYS G 54 -13.40 9.07 -30.80
C LYS G 54 -14.69 8.59 -30.12
N ASN G 55 -15.59 7.93 -30.84
CA ASN G 55 -16.84 7.35 -30.32
C ASN G 55 -16.60 6.23 -29.30
N VAL G 56 -15.68 5.31 -29.58
CA VAL G 56 -15.40 4.19 -28.64
C VAL G 56 -14.81 4.79 -27.36
N VAL G 57 -13.80 5.65 -27.42
CA VAL G 57 -13.11 6.13 -26.19
C VAL G 57 -14.05 7.15 -25.51
N GLY G 58 -14.87 7.85 -26.32
CA GLY G 58 -15.90 8.80 -25.84
C GLY G 58 -16.87 8.15 -24.85
N GLY G 59 -17.40 6.96 -25.17
CA GLY G 59 -18.31 6.16 -24.32
C GLY G 59 -17.59 5.70 -23.06
N GLN G 60 -16.33 5.28 -23.19
CA GLN G 60 -15.53 4.83 -22.03
C GLN G 60 -15.21 6.00 -21.11
N ARG G 61 -14.84 7.17 -21.65
CA ARG G 61 -14.50 8.39 -20.86
C ARG G 61 -15.74 8.86 -20.10
N ALA G 62 -16.91 8.87 -20.75
CA ALA G 62 -18.19 9.28 -20.10
C ALA G 62 -18.53 8.32 -18.95
N ALA G 63 -18.42 7.00 -19.15
CA ALA G 63 -18.66 5.99 -18.09
C ALA G 63 -17.66 6.20 -16.94
N TRP G 64 -16.39 6.38 -17.25
CA TRP G 64 -15.36 6.61 -16.24
C TRP G 64 -15.79 7.79 -15.36
N ARG G 65 -16.27 8.90 -15.95
CA ARG G 65 -16.60 10.13 -15.20
C ARG G 65 -17.86 9.87 -14.35
N VAL G 66 -18.87 9.12 -14.85
CA VAL G 66 -20.03 8.66 -14.00
C VAL G 66 -19.53 7.90 -12.73
N LEU G 67 -18.70 6.85 -12.88
CA LEU G 67 -18.26 5.95 -11.79
C LEU G 67 -17.28 6.69 -10.86
N SER G 68 -16.46 7.60 -11.39
CA SER G 68 -15.57 8.47 -10.57
C SER G 68 -16.40 9.37 -9.63
N SER G 69 -17.45 10.00 -10.15
CA SER G 69 -18.41 10.82 -9.35
C SER G 69 -18.96 9.98 -8.20
N ILE G 70 -19.54 8.82 -8.52
CA ILE G 70 -20.14 7.87 -7.53
C ILE G 70 -19.06 7.47 -6.53
N GLU G 71 -17.83 7.30 -6.99
CA GLU G 71 -16.69 6.85 -6.15
C GLU G 71 -16.25 8.00 -5.24
N GLN G 72 -16.06 9.21 -5.77
CA GLN G 72 -15.72 10.45 -5.00
C GLN G 72 -17.02 11.14 -4.54
N LYS G 73 -18.03 10.37 -4.12
CA LYS G 73 -19.19 10.78 -3.28
C LYS G 73 -19.01 10.14 -1.89
N SER G 74 -18.94 8.80 -1.83
CA SER G 74 -18.47 8.05 -0.63
C SER G 74 -17.00 8.44 -0.35
N ASN G 75 -16.06 7.52 -0.60
CA ASN G 75 -14.60 7.78 -0.66
C ASN G 75 -14.31 9.28 -0.51
N LYS G 82 -18.33 1.58 3.13
CA LYS G 82 -18.74 1.28 1.72
C LYS G 82 -17.90 0.11 1.17
N GLY G 83 -18.50 -0.79 0.39
CA GLY G 83 -17.80 -1.94 -0.24
C GLY G 83 -16.85 -1.51 -1.36
N PRO G 84 -16.05 -2.41 -1.97
CA PRO G 84 -15.14 -2.04 -3.05
C PRO G 84 -15.69 -2.07 -4.50
N GLU G 85 -17.00 -2.24 -4.68
CA GLU G 85 -17.66 -2.50 -6.01
C GLU G 85 -17.47 -1.30 -6.95
N VAL G 86 -17.79 -0.09 -6.52
CA VAL G 86 -17.63 1.16 -7.31
C VAL G 86 -16.17 1.27 -7.76
N ARG G 87 -15.19 1.17 -6.85
CA ARG G 87 -13.74 1.22 -7.22
C ARG G 87 -13.40 0.12 -8.22
N GLU G 88 -13.79 -1.14 -8.02
CA GLU G 88 -13.39 -2.27 -8.92
C GLU G 88 -14.00 -2.02 -10.32
N TYR G 89 -15.25 -1.59 -10.43
CA TYR G 89 -15.89 -1.37 -11.75
C TYR G 89 -15.21 -0.20 -12.47
N ARG G 90 -14.86 0.86 -11.72
CA ARG G 90 -14.20 2.06 -12.29
C ARG G 90 -12.86 1.60 -12.86
N GLU G 91 -12.08 0.83 -12.09
CA GLU G 91 -10.79 0.20 -12.54
C GLU G 91 -11.01 -0.66 -13.79
N LYS G 92 -12.12 -1.39 -13.87
CA LYS G 92 -12.37 -2.26 -15.03
C LYS G 92 -12.60 -1.35 -16.26
N VAL G 93 -13.41 -0.32 -16.15
CA VAL G 93 -13.70 0.58 -17.30
C VAL G 93 -12.41 1.31 -17.66
N GLU G 94 -11.64 1.71 -16.65
CA GLU G 94 -10.36 2.42 -16.83
C GLU G 94 -9.39 1.58 -17.65
N THR G 95 -9.26 0.29 -17.31
CA THR G 95 -8.38 -0.66 -18.03
C THR G 95 -8.84 -0.80 -19.50
N GLU G 96 -10.12 -0.86 -19.79
CA GLU G 96 -10.60 -0.93 -21.20
C GLU G 96 -10.22 0.33 -21.98
N LEU G 97 -10.42 1.51 -21.38
CA LEU G 97 -10.10 2.84 -21.98
C LEU G 97 -8.60 2.91 -22.30
N GLN G 98 -7.78 2.39 -21.40
CA GLN G 98 -6.33 2.41 -21.55
C GLN G 98 -5.92 1.50 -22.69
N GLY G 99 -6.61 0.38 -22.87
CA GLY G 99 -6.35 -0.58 -23.96
C GLY G 99 -6.64 0.02 -25.34
N VAL G 100 -7.72 0.80 -25.46
CA VAL G 100 -8.14 1.46 -26.73
C VAL G 100 -7.13 2.57 -27.07
N CYS G 101 -6.69 3.37 -26.08
CA CYS G 101 -5.70 4.46 -26.27
C CYS G 101 -4.36 3.88 -26.68
N ASP G 102 -3.91 2.78 -26.06
CA ASP G 102 -2.64 2.10 -26.47
C ASP G 102 -2.71 1.56 -27.90
N THR G 103 -3.85 1.04 -28.31
CA THR G 103 -4.12 0.56 -29.68
C THR G 103 -4.05 1.75 -30.63
N VAL G 104 -4.70 2.87 -30.35
CA VAL G 104 -4.63 4.08 -31.23
C VAL G 104 -3.20 4.62 -31.28
N LEU G 105 -2.52 4.76 -30.14
CA LEU G 105 -1.09 5.22 -30.09
C LEU G 105 -0.19 4.22 -30.80
N GLY G 106 -0.49 2.93 -30.71
CA GLY G 106 0.22 1.89 -31.46
C GLY G 106 0.06 2.11 -32.96
N LEU G 107 -1.17 2.35 -33.45
CA LEU G 107 -1.42 2.58 -34.91
C LEU G 107 -0.62 3.80 -35.37
N LEU G 108 -0.70 4.89 -34.63
CA LEU G 108 -0.05 6.17 -34.99
C LEU G 108 1.44 5.93 -35.05
N ASP G 109 2.02 5.32 -34.03
CA ASP G 109 3.49 5.12 -33.94
C ASP G 109 3.95 4.19 -35.06
N SER G 110 3.27 3.08 -35.29
CA SER G 110 3.80 2.01 -36.17
C SER G 110 3.41 2.27 -37.63
N HIS G 111 2.34 3.02 -37.91
CA HIS G 111 1.84 3.13 -39.31
C HIS G 111 1.61 4.56 -39.82
N LEU G 112 1.23 5.52 -39.00
CA LEU G 112 0.60 6.77 -39.54
C LEU G 112 1.52 7.99 -39.46
N ILE G 113 2.27 8.11 -38.39
CA ILE G 113 3.20 9.25 -38.20
C ILE G 113 4.48 8.94 -39.00
N LYS G 114 4.77 9.77 -40.00
CA LYS G 114 5.95 9.67 -40.91
C LYS G 114 6.50 11.10 -41.16
N GLU G 115 7.72 11.23 -41.71
CA GLU G 115 8.29 12.53 -42.18
C GLU G 115 7.57 12.97 -43.47
N ALA G 116 7.11 12.04 -44.30
CA ALA G 116 6.44 12.31 -45.59
C ALA G 116 5.01 12.82 -45.38
N GLY G 117 4.42 13.44 -46.41
CA GLY G 117 3.00 13.82 -46.47
C GLY G 117 2.81 15.32 -46.42
N ASP G 118 1.67 15.80 -46.89
CA ASP G 118 1.17 17.20 -46.68
C ASP G 118 1.21 17.55 -45.18
N ALA G 119 1.29 18.84 -44.87
CA ALA G 119 1.25 19.40 -43.51
C ALA G 119 -0.04 18.99 -42.79
N GLU G 120 -1.19 18.96 -43.50
CA GLU G 120 -2.52 18.69 -42.89
C GLU G 120 -2.45 17.26 -42.33
N SER G 121 -1.93 16.29 -43.09
CA SER G 121 -1.85 14.88 -42.65
C SER G 121 -0.93 14.82 -41.42
N ARG G 122 0.25 15.43 -41.48
CA ARG G 122 1.26 15.22 -40.40
C ARG G 122 0.74 15.81 -39.07
N VAL G 123 0.12 16.99 -39.13
CA VAL G 123 -0.50 17.67 -37.96
C VAL G 123 -1.65 16.80 -37.47
N PHE G 124 -2.41 16.20 -38.39
CA PHE G 124 -3.67 15.51 -38.02
C PHE G 124 -3.32 14.39 -37.06
N TYR G 125 -2.27 13.63 -37.38
CA TYR G 125 -1.83 12.42 -36.64
C TYR G 125 -1.07 12.80 -35.36
N LEU G 126 -0.24 13.85 -35.37
CA LEU G 126 0.47 14.32 -34.14
C LEU G 126 -0.56 14.91 -33.17
N LYS G 127 -1.59 15.60 -33.66
CA LYS G 127 -2.69 16.10 -32.79
C LYS G 127 -3.41 14.90 -32.16
N MET G 128 -3.75 13.88 -32.95
CA MET G 128 -4.36 12.61 -32.49
C MET G 128 -3.46 11.96 -31.40
N LYS G 129 -2.16 11.90 -31.62
CA LYS G 129 -1.24 11.38 -30.61
C LYS G 129 -1.41 12.17 -29.30
N GLY G 130 -1.42 13.50 -29.38
CA GLY G 130 -1.59 14.36 -28.20
C GLY G 130 -2.88 14.03 -27.50
N ASP G 131 -3.96 13.91 -28.26
CA ASP G 131 -5.33 13.65 -27.73
C ASP G 131 -5.35 12.33 -26.94
N TYR G 132 -4.78 11.25 -27.46
CA TYR G 132 -4.89 9.91 -26.83
C TYR G 132 -3.92 9.83 -25.63
N TYR G 133 -2.73 10.42 -25.67
CA TYR G 133 -1.96 10.62 -24.43
C TYR G 133 -2.84 11.42 -23.43
N ARG G 134 -3.51 12.48 -23.86
CA ARG G 134 -4.32 13.30 -22.92
C ARG G 134 -5.42 12.42 -22.30
N TYR G 135 -6.09 11.58 -23.09
CA TYR G 135 -7.13 10.67 -22.54
C TYR G 135 -6.48 9.71 -21.53
N LEU G 136 -5.29 9.21 -21.76
CA LEU G 136 -4.60 8.36 -20.76
C LEU G 136 -4.33 9.19 -19.49
N ALA G 137 -3.89 10.42 -19.67
CA ALA G 137 -3.53 11.33 -18.55
C ALA G 137 -4.76 11.56 -17.66
N GLU G 138 -5.96 11.60 -18.23
CA GLU G 138 -7.17 11.88 -17.43
C GLU G 138 -7.36 10.78 -16.36
N VAL G 139 -6.82 9.58 -16.56
CA VAL G 139 -7.08 8.44 -15.63
C VAL G 139 -5.78 7.97 -14.96
N ALA G 140 -4.65 8.61 -15.19
CA ALA G 140 -3.31 8.14 -14.77
C ALA G 140 -3.01 8.71 -13.38
N THR G 141 -2.11 8.09 -12.62
CA THR G 141 -1.60 8.60 -11.31
C THR G 141 -0.07 8.57 -11.26
N GLY G 142 0.51 9.41 -10.37
CA GLY G 142 1.93 9.38 -9.99
C GLY G 142 2.91 9.48 -11.16
N ASP G 143 3.95 8.66 -11.14
CA ASP G 143 5.07 8.65 -12.10
C ASP G 143 4.55 8.35 -13.52
N ASP G 144 3.59 7.43 -13.67
CA ASP G 144 2.99 7.08 -14.98
C ASP G 144 2.43 8.35 -15.60
N LYS G 145 1.59 9.10 -14.88
CA LYS G 145 0.94 10.35 -15.32
C LYS G 145 1.96 11.40 -15.76
N LYS G 146 3.02 11.65 -14.99
CA LYS G 146 4.08 12.62 -15.40
C LYS G 146 4.68 12.18 -16.74
N ARG G 147 5.01 10.90 -16.94
CA ARG G 147 5.53 10.42 -18.25
C ARG G 147 4.48 10.70 -19.33
N ILE G 148 3.19 10.46 -19.05
CA ILE G 148 2.09 10.60 -20.04
C ILE G 148 1.92 12.08 -20.41
N ILE G 149 1.95 12.97 -19.42
CA ILE G 149 1.83 14.42 -19.67
C ILE G 149 2.98 14.86 -20.57
N ASP G 150 4.19 14.38 -20.29
CA ASP G 150 5.36 14.69 -21.14
C ASP G 150 5.03 14.34 -22.58
N SER G 151 4.54 13.12 -22.83
CA SER G 151 4.35 12.52 -24.18
C SER G 151 3.30 13.32 -24.94
N ALA G 152 2.24 13.75 -24.23
CA ALA G 152 1.16 14.57 -24.82
C ALA G 152 1.70 15.95 -25.21
N ARG G 153 2.35 16.65 -24.28
CA ARG G 153 2.90 18.01 -24.51
C ARG G 153 3.78 17.99 -25.78
N SER G 154 4.71 17.03 -25.84
CA SER G 154 5.70 16.78 -26.92
C SER G 154 5.04 16.57 -28.29
N ALA G 155 4.02 15.71 -28.36
CA ALA G 155 3.26 15.44 -29.60
C ALA G 155 2.52 16.71 -30.05
N TYR G 156 1.85 17.41 -29.12
CA TYR G 156 1.07 18.65 -29.39
C TYR G 156 2.03 19.74 -29.87
N GLN G 157 3.14 19.96 -29.15
CA GLN G 157 4.14 20.98 -29.55
C GLN G 157 4.69 20.70 -30.95
N GLU G 158 5.00 19.46 -31.29
CA GLU G 158 5.48 19.16 -32.65
C GLU G 158 4.39 19.53 -33.67
N ALA G 159 3.10 19.28 -33.37
CA ALA G 159 1.98 19.59 -34.29
C ALA G 159 1.79 21.10 -34.41
N MET G 160 2.01 21.85 -33.34
CA MET G 160 2.04 23.36 -33.35
C MET G 160 3.22 23.87 -34.17
N ASP G 161 4.45 23.44 -33.91
CA ASP G 161 5.65 23.75 -34.75
C ASP G 161 5.27 23.63 -36.24
N ILE G 162 4.67 22.52 -36.65
CA ILE G 162 4.38 22.28 -38.10
C ILE G 162 3.24 23.18 -38.59
N SER G 163 2.13 23.28 -37.87
CA SER G 163 0.95 24.06 -38.31
C SER G 163 1.28 25.56 -38.30
N LYS G 164 2.09 26.05 -37.35
CA LYS G 164 2.44 27.52 -37.20
C LYS G 164 3.15 28.00 -38.47
N LYS G 165 3.89 27.12 -39.13
CA LYS G 165 4.82 27.46 -40.22
C LYS G 165 4.21 27.02 -41.56
N GLU G 166 3.27 26.07 -41.60
CA GLU G 166 2.84 25.45 -42.88
C GLU G 166 1.37 25.71 -43.18
N MET G 167 0.61 26.26 -42.23
CA MET G 167 -0.87 26.34 -42.36
C MET G 167 -1.31 27.75 -42.02
N PRO G 168 -2.39 28.26 -42.64
CA PRO G 168 -2.95 29.55 -42.26
C PRO G 168 -3.66 29.54 -40.90
N PRO G 169 -3.59 30.64 -40.10
CA PRO G 169 -4.23 30.71 -38.78
C PRO G 169 -5.72 30.40 -38.75
N THR G 170 -6.39 30.40 -39.90
CA THR G 170 -7.85 30.11 -40.03
C THR G 170 -8.09 28.63 -40.31
N ASN G 171 -7.05 27.88 -40.67
CA ASN G 171 -7.20 26.46 -41.12
C ASN G 171 -7.83 25.64 -39.99
N PRO G 172 -8.94 24.92 -40.26
CA PRO G 172 -9.67 24.21 -39.20
C PRO G 172 -8.86 23.21 -38.34
N ILE G 173 -7.85 22.58 -38.94
CA ILE G 173 -7.03 21.54 -38.28
C ILE G 173 -6.13 22.27 -37.27
N ARG G 174 -5.53 23.36 -37.69
CA ARG G 174 -4.63 24.17 -36.83
C ARG G 174 -5.43 24.73 -35.65
N LEU G 175 -6.65 25.19 -35.87
CA LEU G 175 -7.56 25.66 -34.78
C LEU G 175 -7.92 24.49 -33.83
N GLY G 176 -8.27 23.32 -34.39
CA GLY G 176 -8.66 22.15 -33.57
C GLY G 176 -7.50 21.78 -32.69
N LEU G 177 -6.29 21.89 -33.22
CA LEU G 177 -5.06 21.49 -32.51
C LEU G 177 -4.85 22.47 -31.38
N ALA G 178 -4.92 23.77 -31.68
CA ALA G 178 -4.68 24.83 -30.67
C ALA G 178 -5.72 24.64 -29.56
N LEU G 179 -6.98 24.42 -29.95
CA LEU G 179 -8.07 24.19 -28.96
C LEU G 179 -7.69 23.06 -28.01
N ASN G 180 -7.25 21.93 -28.57
CA ASN G 180 -6.97 20.70 -27.79
C ASN G 180 -5.72 20.94 -26.95
N PHE G 181 -4.72 21.65 -27.48
CA PHE G 181 -3.50 21.95 -26.69
C PHE G 181 -3.87 22.88 -25.54
N SER G 182 -4.78 23.83 -25.74
CA SER G 182 -5.25 24.72 -24.64
C SER G 182 -5.97 23.90 -23.55
N VAL G 183 -6.83 22.94 -23.93
CA VAL G 183 -7.57 22.05 -22.99
C VAL G 183 -6.56 21.25 -22.17
N PHE G 184 -5.52 20.72 -22.81
CA PHE G 184 -4.41 20.01 -22.13
C PHE G 184 -3.79 20.93 -21.07
N HIS G 185 -3.43 22.13 -21.47
CA HIS G 185 -2.80 23.16 -20.57
C HIS G 185 -3.70 23.35 -19.35
N TYR G 186 -5.01 23.47 -19.57
CA TYR G 186 -5.97 23.84 -18.50
C TYR G 186 -6.35 22.64 -17.62
N GLU G 187 -6.69 21.48 -18.21
CA GLU G 187 -7.25 20.32 -17.47
C GLU G 187 -6.17 19.33 -17.02
N ILE G 188 -5.09 19.17 -17.77
CA ILE G 188 -4.09 18.11 -17.48
C ILE G 188 -2.84 18.73 -16.86
N ALA G 189 -2.27 19.74 -17.49
CA ALA G 189 -0.94 20.28 -17.15
C ALA G 189 -1.06 21.23 -15.96
N ASN G 190 -2.27 21.58 -15.56
CA ASN G 190 -2.48 22.51 -14.43
C ASN G 190 -1.73 23.82 -14.76
N SER G 191 -2.06 24.45 -15.90
CA SER G 191 -1.39 25.65 -16.47
C SER G 191 -2.44 26.53 -17.13
N PRO G 192 -3.39 27.09 -16.35
CA PRO G 192 -4.52 27.85 -16.93
C PRO G 192 -4.06 29.13 -17.66
N GLU G 193 -3.00 29.76 -17.17
CA GLU G 193 -2.43 31.01 -17.76
C GLU G 193 -1.97 30.71 -19.20
N GLU G 194 -1.28 29.57 -19.42
CA GLU G 194 -0.86 29.10 -20.77
C GLU G 194 -2.09 28.69 -21.57
N ALA G 195 -3.06 28.03 -20.95
CA ALA G 195 -4.30 27.66 -21.66
C ALA G 195 -4.95 28.96 -22.16
N ILE G 196 -5.05 29.96 -21.30
CA ILE G 196 -5.78 31.22 -21.66
C ILE G 196 -5.01 31.94 -22.78
N SER G 197 -3.72 32.14 -22.62
CA SER G 197 -2.89 32.86 -23.62
C SER G 197 -2.89 32.11 -24.96
N LEU G 198 -2.91 30.76 -24.96
CA LEU G 198 -2.90 29.99 -26.23
C LEU G 198 -4.23 30.14 -26.93
N ALA G 199 -5.33 30.04 -26.21
CA ALA G 199 -6.68 30.21 -26.77
C ALA G 199 -6.89 31.67 -27.24
N LYS G 200 -6.43 32.68 -26.48
CA LYS G 200 -6.59 34.13 -26.79
C LYS G 200 -5.92 34.46 -28.12
N THR G 201 -4.63 34.13 -28.22
CA THR G 201 -3.75 34.33 -29.39
C THR G 201 -4.32 33.61 -30.62
N THR G 202 -4.68 32.33 -30.49
CA THR G 202 -5.24 31.52 -31.62
C THR G 202 -6.49 32.22 -32.16
N PHE G 203 -7.41 32.60 -31.26
CA PHE G 203 -8.71 33.21 -31.64
C PHE G 203 -8.45 34.53 -32.38
N ASP G 204 -7.67 35.43 -31.77
CA ASP G 204 -7.40 36.80 -32.30
C ASP G 204 -6.64 36.69 -33.64
N GLU G 205 -5.72 35.73 -33.79
CA GLU G 205 -4.85 35.58 -35.00
C GLU G 205 -5.71 35.16 -36.18
N ALA G 206 -6.71 34.31 -35.92
CA ALA G 206 -7.65 33.77 -36.92
C ALA G 206 -8.68 34.84 -37.29
N MET G 207 -9.02 35.71 -36.33
CA MET G 207 -9.97 36.85 -36.52
C MET G 207 -9.40 37.82 -37.58
N ALA G 208 -8.13 38.20 -37.45
CA ALA G 208 -7.35 39.03 -38.40
C ALA G 208 -7.53 38.57 -39.87
N ASP G 209 -7.79 37.30 -40.16
CA ASP G 209 -7.71 36.73 -41.54
C ASP G 209 -9.09 36.27 -42.03
N LEU G 210 -10.17 36.52 -41.29
CA LEU G 210 -11.51 35.92 -41.57
C LEU G 210 -12.15 36.48 -42.86
N HIS G 211 -11.80 37.72 -43.18
CA HIS G 211 -12.41 38.56 -44.25
C HIS G 211 -12.17 37.97 -45.65
N THR G 212 -11.05 37.27 -45.84
CA THR G 212 -10.59 36.75 -47.16
C THR G 212 -11.19 35.36 -47.45
N LEU G 213 -11.98 34.78 -46.55
CA LEU G 213 -12.43 33.36 -46.67
C LEU G 213 -13.80 33.30 -47.33
N SER G 214 -13.99 32.29 -48.19
CA SER G 214 -15.30 31.90 -48.78
C SER G 214 -16.32 31.66 -47.68
N GLU G 215 -17.61 31.45 -48.02
CA GLU G 215 -18.72 31.19 -47.05
C GLU G 215 -18.47 29.84 -46.36
N ASP G 216 -18.14 28.79 -47.12
CA ASP G 216 -17.81 27.42 -46.64
C ASP G 216 -16.72 27.50 -45.55
N SER G 217 -15.56 28.07 -45.86
CA SER G 217 -14.35 28.11 -44.98
C SER G 217 -14.56 29.01 -43.75
N TYR G 218 -15.36 30.07 -43.87
CA TYR G 218 -15.73 31.02 -42.79
C TYR G 218 -16.57 30.28 -41.75
N LYS G 219 -17.50 29.43 -42.23
CA LYS G 219 -18.37 28.56 -41.40
C LYS G 219 -17.48 27.57 -40.61
N ASP G 220 -16.63 26.79 -41.28
CA ASP G 220 -15.72 25.80 -40.64
C ASP G 220 -14.83 26.52 -39.59
N SER G 221 -14.19 27.62 -39.95
CA SER G 221 -13.31 28.41 -39.05
C SER G 221 -14.10 28.88 -37.80
N THR G 222 -15.28 29.49 -37.97
CA THR G 222 -16.07 30.16 -36.88
C THR G 222 -16.60 29.13 -35.88
N LEU G 223 -17.04 27.97 -36.36
CA LEU G 223 -17.42 26.77 -35.54
C LEU G 223 -16.39 26.53 -34.43
N ILE G 224 -15.15 26.19 -34.79
CA ILE G 224 -14.06 25.92 -33.82
C ILE G 224 -13.72 27.20 -33.03
N MET G 225 -13.85 28.38 -33.66
CA MET G 225 -13.49 29.67 -32.99
C MET G 225 -14.48 29.94 -31.84
N GLN G 226 -15.77 29.63 -32.03
CA GLN G 226 -16.76 29.75 -30.92
C GLN G 226 -16.35 28.82 -29.74
N LEU G 227 -15.81 27.62 -30.01
CA LEU G 227 -15.43 26.68 -28.93
C LEU G 227 -14.27 27.30 -28.14
N LEU G 228 -13.33 27.97 -28.83
CA LEU G 228 -12.23 28.70 -28.18
C LEU G 228 -12.81 29.79 -27.26
N ARG G 229 -13.83 30.51 -27.74
CA ARG G 229 -14.51 31.62 -27.02
C ARG G 229 -15.22 31.06 -25.78
N ASP G 230 -15.93 29.92 -25.92
CA ASP G 230 -16.74 29.28 -24.84
C ASP G 230 -15.81 28.84 -23.69
N ASN G 231 -14.64 28.28 -24.04
CA ASN G 231 -13.62 27.89 -23.04
C ASN G 231 -13.12 29.15 -22.31
N LEU G 232 -12.75 30.20 -23.05
CA LEU G 232 -12.08 31.43 -22.51
C LEU G 232 -12.98 32.14 -21.48
N THR G 233 -14.29 32.18 -21.76
CA THR G 233 -15.31 32.78 -20.85
C THR G 233 -15.46 31.89 -19.60
N LEU G 234 -15.60 30.57 -19.75
CA LEU G 234 -15.67 29.56 -18.64
C LEU G 234 -14.42 29.62 -17.73
N TRP G 235 -13.24 29.93 -18.27
CA TRP G 235 -11.96 29.91 -17.51
C TRP G 235 -11.80 31.22 -16.73
N THR H 5 -15.33 21.82 -19.86
CA THR H 5 -14.58 22.49 -20.98
C THR H 5 -14.62 21.58 -22.21
N ILE H 6 -14.54 22.17 -23.41
CA ILE H 6 -14.92 21.51 -24.69
C ILE H 6 -13.68 21.30 -25.59
N SEP H 7 -13.58 20.17 -26.30
CA SEP H 7 -12.45 19.90 -27.17
CB SEP H 7 -11.69 18.63 -26.68
OG SEP H 7 -12.56 17.48 -26.74
C SEP H 7 -12.93 19.84 -28.62
O SEP H 7 -14.13 19.99 -28.86
P SEP H 7 -11.99 16.03 -26.30
O1P SEP H 7 -10.83 15.66 -27.23
O2P SEP H 7 -13.17 15.14 -26.39
O3P SEP H 7 -11.56 16.20 -24.85
N ALA H 8 -11.99 19.70 -29.57
CA ALA H 8 -12.31 19.66 -30.99
C ALA H 8 -13.32 18.55 -31.30
N PRO H 9 -14.36 18.81 -32.12
CA PRO H 9 -15.30 17.77 -32.55
C PRO H 9 -14.81 17.12 -33.86
N VAL H 10 -15.60 16.20 -34.42
CA VAL H 10 -15.23 15.32 -35.56
C VAL H 10 -14.96 16.15 -36.84
S SO4 I . 0.55 -1.93 20.18
O1 SO4 I . 0.99 -2.05 18.79
O2 SO4 I . 1.51 -2.58 21.07
O3 SO4 I . -0.79 -2.55 20.31
O4 SO4 I . 0.52 -0.52 20.52
#